data_6M6F
#
_entry.id   6M6F
#
_entity_poly.entity_id   1
_entity_poly.type   'polypeptide(L)'
_entity_poly.pdbx_seq_one_letter_code
;GQVRQRYLYTSGPHGLSSCHLEIREDGTVGCAADQSPESLLQLKALKPGVIQILGVKTSRFLCQRPDGALYGSLHFDPEA
CSFRELLLEDGYNVYQSEAHGLPLHLPGNKSPHRDPAPRGPARFLPLPG
;
_entity_poly.pdbx_strand_id   A
#
# COMPACT_ATOMS: atom_id res chain seq x y z
N GLY A 1 -21.02 -5.74 -2.35
CA GLY A 1 -19.68 -5.07 -2.32
C GLY A 1 -18.95 -5.44 -1.04
N GLN A 2 -18.00 -6.36 -1.13
CA GLN A 2 -17.24 -6.78 0.03
C GLN A 2 -16.15 -5.76 0.34
N VAL A 3 -16.20 -5.19 1.54
CA VAL A 3 -15.22 -4.18 1.95
C VAL A 3 -14.78 -4.40 3.40
N ARG A 4 -13.52 -4.06 3.68
CA ARG A 4 -12.96 -4.22 5.03
C ARG A 4 -12.09 -3.02 5.39
N GLN A 5 -12.02 -2.72 6.69
CA GLN A 5 -11.21 -1.60 7.19
C GLN A 5 -10.01 -2.13 7.96
N ARG A 6 -8.79 -1.83 7.48
CA ARG A 6 -7.59 -2.32 8.15
C ARG A 6 -6.42 -1.36 7.96
N TYR A 7 -5.44 -1.44 8.87
CA TYR A 7 -4.24 -0.60 8.80
C TYR A 7 -3.13 -1.38 8.09
N LEU A 8 -2.43 -0.74 7.15
CA LEU A 8 -1.34 -1.42 6.45
C LEU A 8 -0.05 -1.22 7.22
N TYR A 9 0.61 -2.33 7.55
CA TYR A 9 1.86 -2.31 8.31
C TYR A 9 2.92 -3.18 7.64
N THR A 10 4.04 -2.56 7.31
CA THR A 10 5.15 -3.24 6.67
C THR A 10 6.45 -2.95 7.45
N SER A 11 7.18 -4.00 7.80
CA SER A 11 8.44 -3.84 8.51
C SER A 11 9.51 -3.34 7.56
N GLY A 12 10.47 -2.59 8.09
CA GLY A 12 11.55 -2.04 7.25
C GLY A 12 12.84 -1.88 8.04
N PRO A 13 13.78 -1.14 7.51
CA PRO A 13 15.10 -0.89 8.17
C PRO A 13 14.93 -0.19 9.52
N HIS A 14 15.82 -0.49 10.44
CA HIS A 14 15.75 0.12 11.77
C HIS A 14 15.62 1.63 11.68
N GLY A 15 14.70 2.18 12.46
CA GLY A 15 14.48 3.63 12.48
C GLY A 15 13.93 4.06 13.84
N LEU A 16 13.17 5.15 13.85
CA LEU A 16 12.61 5.64 15.11
C LEU A 16 11.66 4.60 15.70
N SER A 17 10.87 3.98 14.83
CA SER A 17 9.91 2.99 15.27
C SER A 17 9.34 2.24 14.06
N SER A 18 8.23 1.54 14.30
CA SER A 18 7.58 0.78 13.22
C SER A 18 7.18 1.70 12.08
N CYS A 19 6.98 1.12 10.89
CA CYS A 19 6.58 1.90 9.70
C CYS A 19 5.20 1.47 9.22
N HIS A 20 4.25 2.40 9.27
CA HIS A 20 2.88 2.14 8.80
C HIS A 20 2.59 3.02 7.60
N LEU A 21 1.99 2.44 6.55
CA LEU A 21 1.69 3.22 5.36
C LEU A 21 0.89 4.45 5.75
N GLU A 22 1.27 5.60 5.20
CA GLU A 22 0.61 6.86 5.53
C GLU A 22 0.31 7.67 4.26
N ILE A 23 -0.95 8.09 4.10
CA ILE A 23 -1.34 8.90 2.94
C ILE A 23 -1.62 10.33 3.39
N ARG A 24 -0.99 11.29 2.69
CA ARG A 24 -1.15 12.70 3.01
C ARG A 24 -2.25 13.33 2.17
N GLU A 25 -2.72 14.49 2.62
CA GLU A 25 -3.77 15.20 1.91
C GLU A 25 -3.17 15.80 0.64
N ASP A 26 -1.86 16.02 0.68
CA ASP A 26 -1.16 16.59 -0.47
C ASP A 26 -1.05 15.54 -1.56
N GLY A 27 -1.42 14.31 -1.21
CA GLY A 27 -1.36 13.20 -2.17
C GLY A 27 -0.03 12.47 -2.09
N THR A 28 0.79 12.82 -1.10
CA THR A 28 2.08 12.15 -0.95
C THR A 28 1.91 10.86 -0.16
N VAL A 29 2.87 9.95 -0.29
CA VAL A 29 2.80 8.65 0.40
C VAL A 29 4.11 8.35 1.12
N GLY A 30 4.00 7.75 2.30
CA GLY A 30 5.17 7.40 3.09
C GLY A 30 4.77 6.54 4.28
N CYS A 31 5.74 6.19 5.13
CA CYS A 31 5.45 5.36 6.29
C CYS A 31 5.16 6.23 7.52
N ALA A 32 4.56 5.63 8.55
CA ALA A 32 4.23 6.34 9.80
C ALA A 32 4.65 5.50 10.99
N ALA A 33 5.13 6.18 12.04
CA ALA A 33 5.56 5.51 13.27
C ALA A 33 4.63 5.90 14.42
N ASP A 34 3.74 6.85 14.17
CA ASP A 34 2.79 7.31 15.19
C ASP A 34 1.44 6.64 15.03
N GLN A 35 1.34 5.76 14.03
CA GLN A 35 0.09 5.04 13.78
C GLN A 35 -1.12 5.97 13.96
N SER A 36 -1.55 6.59 12.86
CA SER A 36 -2.71 7.50 12.91
C SER A 36 -3.77 7.07 11.88
N PRO A 37 -4.91 7.72 11.86
CA PRO A 37 -6.01 7.37 10.90
C PRO A 37 -5.56 7.41 9.44
N GLU A 38 -4.64 8.32 9.12
CA GLU A 38 -4.16 8.45 7.74
C GLU A 38 -3.63 7.10 7.23
N SER A 39 -3.24 6.24 8.16
CA SER A 39 -2.71 4.93 7.81
C SER A 39 -3.82 3.89 7.75
N LEU A 40 -5.06 4.36 7.84
CA LEU A 40 -6.21 3.47 7.80
C LEU A 40 -6.77 3.45 6.38
N LEU A 41 -6.72 2.28 5.74
CA LEU A 41 -7.21 2.13 4.37
C LEU A 41 -8.32 1.12 4.31
N GLN A 42 -9.44 1.48 3.69
CA GLN A 42 -10.56 0.54 3.54
C GLN A 42 -10.48 -0.10 2.16
N LEU A 43 -10.29 -1.41 2.14
CA LEU A 43 -10.15 -2.13 0.89
C LEU A 43 -11.51 -2.60 0.37
N LYS A 44 -11.82 -2.21 -0.87
CA LYS A 44 -13.08 -2.58 -1.50
C LYS A 44 -12.81 -3.59 -2.62
N ALA A 45 -13.64 -4.63 -2.68
CA ALA A 45 -13.47 -5.67 -3.69
C ALA A 45 -14.23 -5.33 -4.97
N LEU A 46 -13.49 -5.00 -6.03
CA LEU A 46 -14.12 -4.68 -7.30
C LEU A 46 -14.54 -5.95 -8.04
N LYS A 47 -13.54 -6.81 -8.28
CA LYS A 47 -13.77 -8.07 -8.98
C LYS A 47 -13.01 -9.18 -8.24
N PRO A 48 -13.38 -10.43 -8.39
CA PRO A 48 -12.65 -11.53 -7.69
C PRO A 48 -11.14 -11.47 -8.00
N GLY A 49 -10.33 -11.30 -6.96
CA GLY A 49 -8.87 -11.25 -7.13
C GLY A 49 -8.37 -9.81 -7.26
N VAL A 50 -9.27 -8.87 -7.56
CA VAL A 50 -8.88 -7.45 -7.71
C VAL A 50 -9.61 -6.61 -6.66
N ILE A 51 -8.85 -5.76 -5.97
CA ILE A 51 -9.43 -4.89 -4.93
C ILE A 51 -8.94 -3.46 -5.09
N GLN A 52 -9.61 -2.55 -4.38
CA GLN A 52 -9.27 -1.13 -4.41
C GLN A 52 -9.06 -0.65 -2.98
N ILE A 53 -8.12 0.29 -2.77
CA ILE A 53 -7.85 0.80 -1.43
C ILE A 53 -8.14 2.30 -1.36
N LEU A 54 -9.02 2.65 -0.43
CA LEU A 54 -9.44 4.04 -0.24
C LEU A 54 -9.05 4.50 1.17
N GLY A 55 -8.39 5.64 1.27
CA GLY A 55 -8.02 6.15 2.59
C GLY A 55 -9.21 6.86 3.21
N VAL A 56 -9.68 6.38 4.35
CA VAL A 56 -10.85 6.96 5.01
C VAL A 56 -10.59 8.40 5.47
N LYS A 57 -9.44 8.64 6.06
CA LYS A 57 -9.11 9.97 6.56
C LYS A 57 -9.01 10.99 5.43
N THR A 58 -8.28 10.61 4.39
CA THR A 58 -8.05 11.50 3.25
C THR A 58 -9.13 11.34 2.19
N SER A 59 -9.86 10.25 2.23
CA SER A 59 -10.89 10.00 1.23
C SER A 59 -10.26 10.00 -0.17
N ARG A 60 -8.94 9.75 -0.21
CA ARG A 60 -8.20 9.71 -1.47
C ARG A 60 -7.89 8.26 -1.85
N PHE A 61 -8.01 7.93 -3.14
CA PHE A 61 -7.71 6.58 -3.60
C PHE A 61 -6.21 6.44 -3.80
N LEU A 62 -5.63 5.35 -3.33
CA LEU A 62 -4.21 5.13 -3.49
C LEU A 62 -3.96 4.37 -4.79
N CYS A 63 -3.37 5.06 -5.76
CA CYS A 63 -3.08 4.46 -7.07
C CYS A 63 -1.58 4.54 -7.36
N GLN A 64 -1.09 3.57 -8.13
CA GLN A 64 0.33 3.53 -8.48
C GLN A 64 0.52 3.98 -9.93
N ARG A 65 1.47 4.87 -10.13
CA ARG A 65 1.75 5.39 -11.48
C ARG A 65 2.64 4.40 -12.25
N PRO A 66 2.77 4.53 -13.55
CA PRO A 66 3.62 3.59 -14.37
C PRO A 66 5.03 3.45 -13.81
N ASP A 67 5.59 4.55 -13.31
CA ASP A 67 6.93 4.53 -12.76
C ASP A 67 6.97 3.63 -11.53
N GLY A 68 5.77 3.24 -11.06
CA GLY A 68 5.67 2.37 -9.89
C GLY A 68 5.60 3.18 -8.60
N ALA A 69 5.40 4.50 -8.72
CA ALA A 69 5.32 5.35 -7.54
C ALA A 69 3.90 5.37 -6.97
N LEU A 70 3.81 5.50 -5.65
CA LEU A 70 2.52 5.51 -4.95
C LEU A 70 2.06 6.94 -4.71
N TYR A 71 0.77 7.19 -4.91
CA TYR A 71 0.23 8.53 -4.68
C TYR A 71 -1.30 8.49 -4.53
N GLY A 72 -1.82 9.39 -3.71
CA GLY A 72 -3.26 9.47 -3.49
C GLY A 72 -3.92 10.22 -4.65
N SER A 73 -5.16 9.88 -4.97
CA SER A 73 -5.87 10.54 -6.08
C SER A 73 -7.29 10.89 -5.70
N LEU A 74 -7.83 11.92 -6.35
CA LEU A 74 -9.20 12.37 -6.10
C LEU A 74 -10.14 11.67 -7.06
N HIS A 75 -9.59 10.76 -7.88
CA HIS A 75 -10.39 10.02 -8.86
C HIS A 75 -9.94 8.56 -8.89
N PHE A 76 -10.90 7.68 -9.19
CA PHE A 76 -10.61 6.25 -9.25
C PHE A 76 -10.15 5.84 -10.66
N ASP A 77 -9.03 5.12 -10.72
CA ASP A 77 -8.46 4.66 -11.98
C ASP A 77 -8.15 3.17 -11.91
N PRO A 78 -9.00 2.30 -12.42
CA PRO A 78 -8.77 0.82 -12.37
C PRO A 78 -7.39 0.43 -12.92
N GLU A 79 -7.01 1.08 -14.00
CA GLU A 79 -5.73 0.79 -14.65
C GLU A 79 -4.53 1.10 -13.76
N ALA A 80 -4.74 1.73 -12.61
CA ALA A 80 -3.63 2.06 -11.71
C ALA A 80 -3.96 1.75 -10.25
N CYS A 81 -5.22 1.93 -9.88
CA CYS A 81 -5.65 1.68 -8.50
C CYS A 81 -6.11 0.23 -8.28
N SER A 82 -6.13 -0.56 -9.35
CA SER A 82 -6.53 -1.96 -9.21
C SER A 82 -5.33 -2.75 -8.72
N PHE A 83 -5.52 -3.52 -7.66
CA PHE A 83 -4.45 -4.32 -7.09
C PHE A 83 -4.87 -5.77 -6.93
N ARG A 84 -3.91 -6.68 -7.03
CA ARG A 84 -4.19 -8.11 -6.88
C ARG A 84 -3.75 -8.57 -5.50
N GLU A 85 -4.51 -9.49 -4.92
CA GLU A 85 -4.17 -10.01 -3.58
C GLU A 85 -3.25 -11.20 -3.67
N LEU A 86 -2.12 -11.11 -2.97
CA LEU A 86 -1.11 -12.17 -2.96
C LEU A 86 -0.97 -12.74 -1.55
N LEU A 87 -1.04 -14.06 -1.42
CA LEU A 87 -0.89 -14.72 -0.11
C LEU A 87 0.32 -15.64 -0.12
N LEU A 88 1.21 -15.42 0.85
CA LEU A 88 2.42 -16.22 0.97
C LEU A 88 2.20 -17.36 1.97
N GLU A 89 2.90 -18.46 1.76
CA GLU A 89 2.77 -19.62 2.64
C GLU A 89 3.09 -19.19 4.07
N ASP A 90 3.94 -18.18 4.20
CA ASP A 90 4.32 -17.67 5.51
C ASP A 90 3.15 -16.96 6.19
N GLY A 91 2.08 -16.72 5.43
CA GLY A 91 0.89 -16.06 5.98
C GLY A 91 0.92 -14.54 5.81
N TYR A 92 1.85 -14.02 5.00
CA TYR A 92 1.92 -12.58 4.77
C TYR A 92 1.13 -12.23 3.51
N ASN A 93 0.70 -10.97 3.40
CA ASN A 93 -0.08 -10.54 2.23
C ASN A 93 0.61 -9.38 1.53
N VAL A 94 0.61 -9.42 0.20
CA VAL A 94 1.23 -8.37 -0.60
C VAL A 94 0.30 -7.96 -1.73
N TYR A 95 0.50 -6.74 -2.24
CA TYR A 95 -0.34 -6.21 -3.33
C TYR A 95 0.50 -5.91 -4.56
N GLN A 96 -0.09 -6.14 -5.73
CA GLN A 96 0.58 -5.88 -7.00
C GLN A 96 -0.41 -5.38 -8.03
N SER A 97 -0.09 -4.27 -8.69
CA SER A 97 -0.98 -3.70 -9.69
C SER A 97 -1.26 -4.73 -10.78
N GLU A 98 -2.52 -5.11 -10.91
CA GLU A 98 -2.93 -6.10 -11.91
C GLU A 98 -2.86 -5.52 -13.33
N ALA A 99 -3.15 -4.23 -13.45
CA ALA A 99 -3.16 -3.59 -14.76
C ALA A 99 -1.84 -3.71 -15.52
N HIS A 100 -0.72 -3.38 -14.85
CA HIS A 100 0.60 -3.44 -15.50
C HIS A 100 1.53 -4.45 -14.83
N GLY A 101 1.13 -4.95 -13.67
CA GLY A 101 1.95 -5.93 -12.96
C GLY A 101 3.04 -5.24 -12.12
N LEU A 102 2.92 -3.93 -11.93
CA LEU A 102 3.91 -3.19 -11.15
C LEU A 102 3.77 -3.56 -9.67
N PRO A 103 4.86 -3.77 -8.96
CA PRO A 103 4.80 -4.12 -7.50
C PRO A 103 4.45 -2.91 -6.64
N LEU A 104 3.78 -3.16 -5.51
CA LEU A 104 3.40 -2.07 -4.61
C LEU A 104 4.43 -1.92 -3.50
N HIS A 105 5.00 -0.73 -3.39
CA HIS A 105 6.00 -0.46 -2.37
C HIS A 105 6.05 1.04 -2.05
N LEU A 106 6.57 1.36 -0.87
CA LEU A 106 6.68 2.76 -0.47
C LEU A 106 7.61 3.51 -1.42
N PRO A 107 7.39 4.79 -1.64
CA PRO A 107 8.25 5.58 -2.56
C PRO A 107 9.72 5.61 -2.11
N GLY A 108 10.63 5.54 -3.08
CA GLY A 108 12.05 5.55 -2.79
C GLY A 108 12.83 4.93 -3.95
N ASN A 109 13.08 5.74 -4.98
CA ASN A 109 13.80 5.26 -6.15
C ASN A 109 15.31 5.30 -5.92
N LYS A 110 15.87 4.19 -5.47
CA LYS A 110 17.30 4.09 -5.22
C LYS A 110 17.80 5.32 -4.48
N SER A 111 17.94 5.20 -3.17
CA SER A 111 18.42 6.31 -2.34
C SER A 111 18.51 5.90 -0.87
N PRO A 112 17.42 5.49 -0.26
CA PRO A 112 17.42 5.08 1.17
C PRO A 112 18.23 3.79 1.39
N HIS A 113 18.68 3.59 2.62
CA HIS A 113 19.48 2.41 2.94
C HIS A 113 18.70 1.13 2.69
N ARG A 114 19.28 0.21 1.93
CA ARG A 114 18.64 -1.06 1.61
C ARG A 114 19.65 -2.19 1.67
N ASP A 115 19.32 -3.26 2.38
CA ASP A 115 20.22 -4.39 2.51
C ASP A 115 20.70 -4.85 1.12
N PRO A 116 21.75 -5.66 1.03
CA PRO A 116 22.25 -6.13 -0.30
C PRO A 116 21.24 -7.07 -0.98
N ALA A 117 21.23 -7.07 -2.31
CA ALA A 117 20.33 -7.93 -3.05
C ALA A 117 18.86 -7.54 -2.79
N PRO A 118 18.16 -6.97 -3.75
CA PRO A 118 16.74 -6.57 -3.56
C PRO A 118 15.77 -7.75 -3.74
N ARG A 119 15.06 -8.11 -2.68
CA ARG A 119 14.13 -9.22 -2.78
C ARG A 119 13.00 -8.90 -3.75
N GLY A 120 12.52 -7.66 -3.71
CA GLY A 120 11.45 -7.21 -4.61
C GLY A 120 10.38 -6.42 -3.86
N PRO A 121 9.13 -6.87 -3.84
CA PRO A 121 8.04 -6.13 -3.14
C PRO A 121 8.10 -6.31 -1.62
N ALA A 122 7.67 -5.27 -0.90
CA ALA A 122 7.68 -5.31 0.56
C ALA A 122 6.43 -6.03 1.08
N ARG A 123 6.61 -6.78 2.17
CA ARG A 123 5.49 -7.51 2.79
C ARG A 123 4.64 -6.58 3.63
N PHE A 124 3.32 -6.72 3.52
CA PHE A 124 2.38 -5.89 4.30
C PHE A 124 1.49 -6.75 5.19
N LEU A 125 1.28 -6.25 6.41
CA LEU A 125 0.45 -6.94 7.40
C LEU A 125 -0.79 -6.08 7.70
N PRO A 126 -1.97 -6.45 7.24
CA PRO A 126 -3.19 -5.64 7.49
C PRO A 126 -3.77 -5.88 8.89
N LEU A 127 -3.77 -4.84 9.72
CA LEU A 127 -4.29 -4.94 11.08
C LEU A 127 -5.78 -4.55 11.11
N PRO A 128 -6.61 -5.19 11.90
CA PRO A 128 -8.06 -4.81 11.96
C PRO A 128 -8.25 -3.31 12.15
N GLY A 129 -9.10 -2.71 11.31
CA GLY A 129 -9.37 -1.28 11.39
C GLY A 129 -10.85 -0.99 11.16
N GLY A 1 -19.88 -5.69 -3.01
CA GLY A 1 -18.43 -6.02 -2.78
C GLY A 1 -18.10 -5.84 -1.31
N GLN A 2 -17.48 -6.85 -0.72
CA GLN A 2 -17.11 -6.81 0.68
C GLN A 2 -16.12 -5.67 0.94
N VAL A 3 -16.42 -4.85 1.97
CA VAL A 3 -15.54 -3.73 2.32
C VAL A 3 -15.21 -3.75 3.81
N ARG A 4 -13.93 -3.50 4.10
CA ARG A 4 -13.46 -3.46 5.48
C ARG A 4 -12.37 -2.40 5.64
N GLN A 5 -12.27 -1.83 6.84
CA GLN A 5 -11.27 -0.80 7.11
C GLN A 5 -10.12 -1.39 7.93
N ARG A 6 -8.89 -1.25 7.41
CA ARG A 6 -7.73 -1.80 8.10
C ARG A 6 -6.49 -0.94 7.85
N TYR A 7 -5.45 -1.14 8.68
CA TYR A 7 -4.19 -0.40 8.52
C TYR A 7 -3.20 -1.28 7.75
N LEU A 8 -2.51 -0.72 6.77
CA LEU A 8 -1.53 -1.51 6.01
C LEU A 8 -0.14 -1.34 6.63
N TYR A 9 0.38 -2.43 7.20
CA TYR A 9 1.69 -2.42 7.87
C TYR A 9 2.59 -3.52 7.33
N THR A 10 3.85 -3.16 7.10
CA THR A 10 4.86 -4.09 6.60
C THR A 10 5.97 -4.28 7.64
N SER A 11 6.26 -5.53 7.97
CA SER A 11 7.30 -5.83 8.95
C SER A 11 8.68 -5.58 8.35
N GLY A 12 9.65 -5.29 9.23
CA GLY A 12 11.02 -5.02 8.77
C GLY A 12 12.03 -5.27 9.89
N PRO A 13 13.30 -5.21 9.58
CA PRO A 13 14.39 -5.43 10.56
C PRO A 13 14.53 -4.27 11.56
N HIS A 14 15.20 -4.53 12.67
CA HIS A 14 15.40 -3.51 13.69
C HIS A 14 16.30 -2.39 13.16
N GLY A 15 16.60 -2.44 11.87
CA GLY A 15 17.45 -1.43 11.25
C GLY A 15 16.97 -0.02 11.57
N LEU A 16 15.67 0.15 11.75
CA LEU A 16 15.11 1.46 12.06
C LEU A 16 13.96 1.35 13.07
N SER A 17 12.75 1.19 12.55
CA SER A 17 11.57 1.09 13.41
C SER A 17 10.38 0.57 12.61
N SER A 18 9.23 0.48 13.27
CA SER A 18 8.02 0.02 12.60
C SER A 18 7.65 0.96 11.46
N CYS A 19 7.15 0.40 10.36
CA CYS A 19 6.75 1.20 9.20
C CYS A 19 5.29 0.93 8.83
N HIS A 20 4.45 1.97 8.95
CA HIS A 20 3.04 1.87 8.59
C HIS A 20 2.77 2.76 7.38
N LEU A 21 2.28 2.17 6.30
CA LEU A 21 2.00 2.93 5.09
C LEU A 21 1.12 4.12 5.44
N GLU A 22 1.51 5.32 4.98
CA GLU A 22 0.75 6.54 5.25
C GLU A 22 0.61 7.37 3.97
N ILE A 23 -0.59 7.90 3.73
CA ILE A 23 -0.82 8.74 2.55
C ILE A 23 -1.01 10.20 2.96
N ARG A 24 -0.24 11.08 2.32
CA ARG A 24 -0.29 12.51 2.60
C ARG A 24 -1.38 13.17 1.76
N GLU A 25 -1.83 14.33 2.21
CA GLU A 25 -2.84 15.10 1.50
C GLU A 25 -2.22 15.63 0.22
N ASP A 26 -0.92 15.85 0.29
CA ASP A 26 -0.17 16.36 -0.85
C ASP A 26 -0.07 15.28 -1.92
N GLY A 27 -0.54 14.09 -1.57
CA GLY A 27 -0.50 12.96 -2.50
C GLY A 27 0.81 12.20 -2.41
N THR A 28 1.64 12.52 -1.41
CA THR A 28 2.91 11.81 -1.26
C THR A 28 2.68 10.52 -0.49
N VAL A 29 3.65 9.59 -0.58
CA VAL A 29 3.51 8.30 0.09
C VAL A 29 4.78 7.93 0.86
N GLY A 30 4.59 7.29 2.00
CA GLY A 30 5.72 6.87 2.86
C GLY A 30 5.19 6.02 4.00
N CYS A 31 6.07 5.67 4.94
CA CYS A 31 5.67 4.85 6.09
C CYS A 31 5.63 5.67 7.37
N ALA A 32 4.91 5.17 8.38
CA ALA A 32 4.80 5.84 9.67
C ALA A 32 5.06 4.84 10.79
N ALA A 33 5.74 5.30 11.85
CA ALA A 33 6.04 4.41 12.98
C ALA A 33 5.14 4.75 14.17
N ASP A 34 4.42 5.87 14.07
CA ASP A 34 3.53 6.30 15.14
C ASP A 34 2.09 5.96 14.81
N GLN A 35 1.90 5.14 13.78
CA GLN A 35 0.55 4.73 13.36
C GLN A 35 -0.41 5.92 13.40
N SER A 36 -0.63 6.55 12.24
CA SER A 36 -1.52 7.71 12.15
C SER A 36 -2.75 7.39 11.28
N PRO A 37 -3.84 8.11 11.42
CA PRO A 37 -5.07 7.87 10.60
C PRO A 37 -4.78 7.80 9.10
N GLU A 38 -3.80 8.57 8.64
CA GLU A 38 -3.46 8.58 7.21
C GLU A 38 -3.13 7.16 6.75
N SER A 39 -2.79 6.29 7.68
CA SER A 39 -2.44 4.91 7.34
C SER A 39 -3.69 4.03 7.28
N LEU A 40 -4.84 4.61 7.61
CA LEU A 40 -6.08 3.87 7.58
C LEU A 40 -6.61 3.85 6.15
N LEU A 41 -6.66 2.67 5.55
CA LEU A 41 -7.13 2.54 4.17
C LEU A 41 -8.36 1.64 4.08
N GLN A 42 -9.42 2.16 3.48
CA GLN A 42 -10.64 1.38 3.31
C GLN A 42 -10.44 0.37 2.19
N LEU A 43 -10.50 -0.90 2.55
CA LEU A 43 -10.33 -1.98 1.58
C LEU A 43 -11.67 -2.33 0.96
N LYS A 44 -11.77 -2.22 -0.36
CA LYS A 44 -13.02 -2.52 -1.07
C LYS A 44 -12.79 -3.56 -2.14
N ALA A 45 -13.67 -4.55 -2.19
CA ALA A 45 -13.55 -5.63 -3.16
C ALA A 45 -14.30 -5.30 -4.45
N LEU A 46 -13.55 -5.00 -5.50
CA LEU A 46 -14.15 -4.69 -6.79
C LEU A 46 -14.68 -5.96 -7.41
N LYS A 47 -13.75 -6.81 -7.84
CA LYS A 47 -14.09 -8.09 -8.44
C LYS A 47 -13.35 -9.20 -7.68
N PRO A 48 -13.85 -10.41 -7.64
CA PRO A 48 -13.15 -11.50 -6.91
C PRO A 48 -11.66 -11.55 -7.29
N GLY A 49 -10.80 -11.32 -6.31
CA GLY A 49 -9.35 -11.33 -6.54
C GLY A 49 -8.77 -9.93 -6.71
N VAL A 50 -9.63 -8.95 -7.00
CA VAL A 50 -9.20 -7.56 -7.20
C VAL A 50 -9.84 -6.65 -6.15
N ILE A 51 -9.03 -5.79 -5.54
CA ILE A 51 -9.54 -4.86 -4.51
C ILE A 51 -9.06 -3.44 -4.76
N GLN A 52 -9.70 -2.50 -4.06
CA GLN A 52 -9.38 -1.07 -4.15
C GLN A 52 -9.16 -0.51 -2.76
N ILE A 53 -8.21 0.41 -2.63
CA ILE A 53 -7.90 1.02 -1.33
C ILE A 53 -8.13 2.54 -1.36
N LEU A 54 -8.89 3.02 -0.39
CA LEU A 54 -9.22 4.45 -0.29
C LEU A 54 -8.90 4.98 1.11
N GLY A 55 -8.00 5.95 1.19
CA GLY A 55 -7.60 6.53 2.48
C GLY A 55 -8.67 7.47 3.02
N VAL A 56 -9.14 7.18 4.24
CA VAL A 56 -10.19 7.98 4.86
C VAL A 56 -9.76 9.42 5.13
N LYS A 57 -8.56 9.60 5.65
CA LYS A 57 -8.08 10.94 5.99
C LYS A 57 -7.94 11.84 4.76
N THR A 58 -7.27 11.34 3.73
CA THR A 58 -7.05 12.14 2.52
C THR A 58 -8.16 11.94 1.50
N SER A 59 -8.91 10.86 1.63
CA SER A 59 -10.00 10.59 0.70
C SER A 59 -9.45 10.39 -0.70
N ARG A 60 -8.21 9.92 -0.79
CA ARG A 60 -7.56 9.70 -2.09
C ARG A 60 -7.44 8.21 -2.37
N PHE A 61 -7.52 7.85 -3.64
CA PHE A 61 -7.40 6.45 -4.04
C PHE A 61 -5.94 6.14 -4.35
N LEU A 62 -5.33 5.30 -3.53
CA LEU A 62 -3.93 4.94 -3.75
C LEU A 62 -3.79 4.14 -5.03
N CYS A 63 -3.13 4.74 -6.02
CA CYS A 63 -2.92 4.09 -7.32
C CYS A 63 -1.43 4.04 -7.64
N GLN A 64 -1.03 3.06 -8.45
CA GLN A 64 0.37 2.87 -8.80
C GLN A 64 0.68 3.36 -10.21
N ARG A 65 1.71 4.20 -10.28
CA ARG A 65 2.21 4.76 -11.51
C ARG A 65 2.80 3.64 -12.37
N PRO A 66 2.66 3.66 -13.67
CA PRO A 66 3.27 2.60 -14.53
C PRO A 66 4.75 2.39 -14.19
N ASP A 67 5.40 3.47 -13.79
CA ASP A 67 6.81 3.42 -13.43
C ASP A 67 7.00 2.63 -12.14
N GLY A 68 5.89 2.25 -11.52
CA GLY A 68 5.91 1.49 -10.27
C GLY A 68 5.88 2.42 -9.06
N ALA A 69 5.59 3.69 -9.30
CA ALA A 69 5.53 4.67 -8.22
C ALA A 69 4.13 4.66 -7.60
N LEU A 70 4.04 5.03 -6.32
CA LEU A 70 2.75 5.07 -5.61
C LEU A 70 2.35 6.51 -5.30
N TYR A 71 1.09 6.84 -5.56
CA TYR A 71 0.60 8.19 -5.30
C TYR A 71 -0.92 8.21 -5.11
N GLY A 72 -1.39 9.11 -4.26
CA GLY A 72 -2.82 9.25 -4.02
C GLY A 72 -3.47 9.98 -5.19
N SER A 73 -4.63 9.49 -5.63
CA SER A 73 -5.33 10.10 -6.77
C SER A 73 -6.72 10.58 -6.36
N LEU A 74 -7.16 11.67 -6.98
CA LEU A 74 -8.47 12.25 -6.70
C LEU A 74 -9.52 11.63 -7.63
N HIS A 75 -9.05 10.84 -8.59
CA HIS A 75 -9.93 10.18 -9.55
C HIS A 75 -9.60 8.69 -9.64
N PHE A 76 -10.65 7.87 -9.57
CA PHE A 76 -10.47 6.42 -9.61
C PHE A 76 -10.02 5.96 -11.00
N ASP A 77 -9.03 5.07 -11.01
CA ASP A 77 -8.50 4.50 -12.25
C ASP A 77 -8.25 3.00 -12.04
N PRO A 78 -9.03 2.10 -12.62
CA PRO A 78 -8.84 0.64 -12.40
C PRO A 78 -7.55 0.11 -13.04
N GLU A 79 -7.04 0.84 -14.02
CA GLU A 79 -5.81 0.43 -14.71
C GLU A 79 -4.60 0.56 -13.79
N ALA A 80 -4.72 1.38 -12.74
CA ALA A 80 -3.62 1.58 -11.79
C ALA A 80 -4.07 1.41 -10.35
N CYS A 81 -5.33 1.76 -10.08
CA CYS A 81 -5.86 1.67 -8.72
C CYS A 81 -6.30 0.25 -8.37
N SER A 82 -6.41 -0.62 -9.37
CA SER A 82 -6.80 -1.99 -9.11
C SER A 82 -5.60 -2.77 -8.61
N PHE A 83 -5.80 -3.65 -7.63
CA PHE A 83 -4.70 -4.44 -7.07
C PHE A 83 -5.11 -5.90 -6.91
N ARG A 84 -4.14 -6.79 -7.10
CA ARG A 84 -4.37 -8.22 -6.94
C ARG A 84 -3.86 -8.66 -5.57
N GLU A 85 -4.66 -9.42 -4.83
CA GLU A 85 -4.25 -9.86 -3.51
C GLU A 85 -3.50 -11.19 -3.56
N LEU A 86 -2.29 -11.19 -3.00
CA LEU A 86 -1.46 -12.39 -2.96
C LEU A 86 -1.28 -12.84 -1.52
N LEU A 87 -1.66 -14.09 -1.22
CA LEU A 87 -1.54 -14.61 0.15
C LEU A 87 -0.55 -15.76 0.21
N LEU A 88 0.47 -15.59 1.05
CA LEU A 88 1.49 -16.61 1.23
C LEU A 88 0.96 -17.69 2.16
N GLU A 89 1.38 -18.93 1.93
CA GLU A 89 0.95 -20.03 2.78
C GLU A 89 1.35 -19.73 4.22
N ASP A 90 2.40 -18.95 4.36
CA ASP A 90 2.89 -18.57 5.68
C ASP A 90 1.95 -17.54 6.31
N GLY A 91 1.07 -16.95 5.50
CA GLY A 91 0.12 -15.96 6.01
C GLY A 91 0.49 -14.52 5.67
N TYR A 92 1.58 -14.31 4.92
CA TYR A 92 1.96 -12.96 4.54
C TYR A 92 1.15 -12.52 3.34
N ASN A 93 0.74 -11.25 3.32
CA ASN A 93 -0.07 -10.73 2.22
C ASN A 93 0.71 -9.71 1.40
N VAL A 94 0.58 -9.79 0.08
CA VAL A 94 1.26 -8.86 -0.81
C VAL A 94 0.32 -8.42 -1.91
N TYR A 95 0.56 -7.24 -2.48
CA TYR A 95 -0.30 -6.71 -3.55
C TYR A 95 0.48 -6.47 -4.84
N GLN A 96 -0.23 -6.57 -5.96
CA GLN A 96 0.36 -6.37 -7.27
C GLN A 96 -0.69 -5.84 -8.24
N SER A 97 -0.34 -4.80 -9.00
CA SER A 97 -1.29 -4.24 -9.96
C SER A 97 -1.70 -5.31 -10.96
N GLU A 98 -3.00 -5.55 -11.06
CA GLU A 98 -3.51 -6.57 -11.97
C GLU A 98 -3.38 -6.14 -13.43
N ALA A 99 -3.71 -4.88 -13.71
CA ALA A 99 -3.65 -4.36 -15.07
C ALA A 99 -2.23 -4.32 -15.64
N HIS A 100 -1.29 -3.79 -14.88
CA HIS A 100 0.09 -3.66 -15.37
C HIS A 100 1.00 -4.78 -14.86
N GLY A 101 0.59 -5.45 -13.78
CA GLY A 101 1.43 -6.53 -13.25
C GLY A 101 2.60 -5.96 -12.45
N LEU A 102 2.56 -4.65 -12.20
CA LEU A 102 3.63 -4.00 -11.46
C LEU A 102 3.54 -4.37 -9.96
N PRO A 103 4.66 -4.62 -9.31
CA PRO A 103 4.65 -4.97 -7.85
C PRO A 103 4.42 -3.73 -6.99
N LEU A 104 3.84 -3.92 -5.80
CA LEU A 104 3.57 -2.79 -4.89
C LEU A 104 4.66 -2.69 -3.85
N HIS A 105 5.32 -1.53 -3.79
CA HIS A 105 6.40 -1.30 -2.83
C HIS A 105 6.56 0.18 -2.56
N LEU A 106 7.04 0.51 -1.36
CA LEU A 106 7.27 1.90 -0.97
C LEU A 106 8.34 2.53 -1.88
N PRO A 107 8.07 3.63 -2.56
CA PRO A 107 9.12 4.27 -3.42
C PRO A 107 10.42 4.48 -2.66
N GLY A 108 11.53 4.11 -3.30
CA GLY A 108 12.87 4.28 -2.68
C GLY A 108 13.54 5.54 -3.22
N ASN A 109 12.72 6.53 -3.58
CA ASN A 109 13.24 7.79 -4.11
C ASN A 109 13.43 8.82 -3.01
N LYS A 110 13.82 10.03 -3.39
CA LYS A 110 14.03 11.10 -2.43
C LYS A 110 14.89 10.65 -1.26
N SER A 111 16.19 10.87 -1.38
CA SER A 111 17.15 10.52 -0.33
C SER A 111 16.74 9.25 0.43
N PRO A 112 16.84 8.09 -0.17
CA PRO A 112 16.48 6.83 0.52
C PRO A 112 17.48 6.52 1.64
N HIS A 113 16.99 5.92 2.72
CA HIS A 113 17.85 5.60 3.85
C HIS A 113 18.70 4.36 3.56
N ARG A 114 20.02 4.52 3.57
CA ARG A 114 20.93 3.41 3.32
C ARG A 114 20.38 2.49 2.23
N ASP A 115 20.72 2.81 0.97
CA ASP A 115 20.25 2.03 -0.19
C ASP A 115 20.00 0.56 0.17
N PRO A 116 18.79 0.19 0.51
CA PRO A 116 18.46 -1.21 0.88
C PRO A 116 18.22 -2.09 -0.35
N ALA A 117 18.30 -3.40 -0.16
CA ALA A 117 18.10 -4.36 -1.25
C ALA A 117 17.21 -5.50 -0.78
N PRO A 118 15.91 -5.31 -0.71
CA PRO A 118 14.97 -6.36 -0.24
C PRO A 118 14.77 -7.46 -1.29
N ARG A 119 14.37 -8.64 -0.82
CA ARG A 119 14.13 -9.78 -1.72
C ARG A 119 12.68 -9.79 -2.17
N GLY A 120 12.48 -9.53 -3.46
CA GLY A 120 11.13 -9.49 -4.03
C GLY A 120 10.34 -8.30 -3.47
N PRO A 121 9.07 -8.24 -3.75
CA PRO A 121 8.20 -7.13 -3.26
C PRO A 121 8.11 -7.14 -1.73
N ALA A 122 7.88 -5.97 -1.14
CA ALA A 122 7.79 -5.88 0.32
C ALA A 122 6.52 -6.57 0.82
N ARG A 123 6.66 -7.33 1.91
CA ARG A 123 5.53 -8.03 2.51
C ARG A 123 4.71 -7.08 3.37
N PHE A 124 3.40 -7.16 3.22
CA PHE A 124 2.48 -6.29 3.96
C PHE A 124 1.53 -7.12 4.82
N LEU A 125 1.09 -6.53 5.93
CA LEU A 125 0.18 -7.19 6.87
C LEU A 125 -0.94 -6.23 7.29
N PRO A 126 -2.19 -6.50 6.94
CA PRO A 126 -3.31 -5.60 7.31
C PRO A 126 -3.75 -5.80 8.76
N LEU A 127 -3.96 -4.69 9.48
CA LEU A 127 -4.38 -4.75 10.89
C LEU A 127 -5.86 -4.32 11.00
N PRO A 128 -6.69 -5.02 11.75
CA PRO A 128 -8.12 -4.62 11.90
C PRO A 128 -8.27 -3.14 12.27
N GLY A 129 -9.14 -2.44 11.54
CA GLY A 129 -9.38 -1.03 11.80
C GLY A 129 -10.52 -0.85 12.80
N GLY A 1 -17.38 -7.87 3.97
CA GLY A 1 -18.11 -8.25 2.73
C GLY A 1 -17.31 -7.81 1.50
N GLN A 2 -18.02 -7.25 0.53
CA GLN A 2 -17.38 -6.79 -0.70
C GLN A 2 -16.38 -5.68 -0.40
N VAL A 3 -16.70 -4.86 0.60
CA VAL A 3 -15.81 -3.77 1.01
C VAL A 3 -15.58 -3.82 2.51
N ARG A 4 -14.33 -3.66 2.90
CA ARG A 4 -13.96 -3.69 4.33
C ARG A 4 -12.94 -2.61 4.64
N GLN A 5 -13.03 -2.08 5.86
CA GLN A 5 -12.13 -1.03 6.32
C GLN A 5 -11.06 -1.63 7.25
N ARG A 6 -9.79 -1.48 6.88
CA ARG A 6 -8.70 -2.03 7.70
C ARG A 6 -7.48 -1.10 7.70
N TYR A 7 -6.58 -1.33 8.65
CA TYR A 7 -5.34 -0.55 8.76
C TYR A 7 -4.20 -1.37 8.16
N LEU A 8 -3.39 -0.76 7.29
CA LEU A 8 -2.26 -1.50 6.70
C LEU A 8 -1.05 -1.40 7.62
N TYR A 9 -0.64 -2.55 8.16
CA TYR A 9 0.49 -2.61 9.08
C TYR A 9 1.57 -3.59 8.60
N THR A 10 2.80 -3.10 8.54
CA THR A 10 3.95 -3.92 8.12
C THR A 10 5.10 -3.74 9.10
N SER A 11 5.89 -4.80 9.30
CA SER A 11 7.03 -4.73 10.21
C SER A 11 8.25 -5.38 9.57
N GLY A 12 9.39 -4.68 9.64
CA GLY A 12 10.62 -5.21 9.06
C GLY A 12 11.78 -4.25 9.27
N PRO A 13 12.88 -4.50 8.60
CA PRO A 13 14.10 -3.64 8.70
C PRO A 13 13.83 -2.20 8.25
N HIS A 14 14.60 -1.27 8.81
CA HIS A 14 14.47 0.16 8.49
C HIS A 14 13.20 0.74 9.11
N GLY A 15 13.02 0.47 10.40
CA GLY A 15 11.85 0.99 11.13
C GLY A 15 12.14 1.03 12.62
N LEU A 16 12.01 2.22 13.21
CA LEU A 16 12.26 2.39 14.64
C LEU A 16 11.28 1.55 15.44
N SER A 17 10.00 1.59 15.06
CA SER A 17 8.98 0.84 15.76
C SER A 17 7.78 0.60 14.86
N SER A 18 6.65 0.22 15.45
CA SER A 18 5.44 -0.06 14.70
C SER A 18 5.25 0.95 13.57
N CYS A 19 4.90 0.45 12.38
CA CYS A 19 4.70 1.32 11.21
C CYS A 19 3.35 1.04 10.56
N HIS A 20 2.54 2.09 10.47
CA HIS A 20 1.22 2.02 9.84
C HIS A 20 1.23 2.92 8.60
N LEU A 21 0.85 2.36 7.47
CA LEU A 21 0.83 3.11 6.23
C LEU A 21 -0.15 4.28 6.37
N GLU A 22 0.35 5.51 6.16
CA GLU A 22 -0.49 6.71 6.27
C GLU A 22 -0.46 7.50 4.96
N ILE A 23 -1.59 8.12 4.63
CA ILE A 23 -1.68 8.94 3.41
C ILE A 23 -1.86 10.41 3.78
N ARG A 24 -1.02 11.26 3.16
CA ARG A 24 -1.07 12.70 3.43
C ARG A 24 -2.04 13.38 2.47
N GLU A 25 -2.50 14.56 2.89
CA GLU A 25 -3.41 15.35 2.08
C GLU A 25 -2.65 15.89 0.86
N ASP A 26 -1.35 16.08 1.04
CA ASP A 26 -0.51 16.56 -0.03
C ASP A 26 -0.27 15.47 -1.05
N GLY A 27 -0.74 14.26 -0.72
CA GLY A 27 -0.60 13.12 -1.61
C GLY A 27 0.69 12.36 -1.32
N THR A 28 1.39 12.73 -0.25
CA THR A 28 2.63 12.03 0.09
C THR A 28 2.29 10.78 0.89
N VAL A 29 3.25 9.87 1.01
CA VAL A 29 3.03 8.61 1.74
C VAL A 29 4.15 8.36 2.73
N GLY A 30 3.83 7.61 3.77
CA GLY A 30 4.80 7.26 4.80
C GLY A 30 4.19 6.30 5.81
N CYS A 31 4.93 6.01 6.88
CA CYS A 31 4.44 5.09 7.92
C CYS A 31 4.02 5.89 9.17
N ALA A 32 3.21 5.25 10.01
CA ALA A 32 2.73 5.86 11.26
C ALA A 32 2.92 4.89 12.43
N ALA A 33 3.27 5.43 13.59
CA ALA A 33 3.48 4.62 14.79
C ALA A 33 2.42 4.95 15.84
N ASP A 34 1.60 5.97 15.56
CA ASP A 34 0.56 6.39 16.48
C ASP A 34 -0.78 5.78 16.11
N GLN A 35 -0.79 4.98 15.04
CA GLN A 35 -2.02 4.34 14.60
C GLN A 35 -3.20 5.30 14.67
N SER A 36 -3.48 6.00 13.57
CA SER A 36 -4.59 6.96 13.53
C SER A 36 -5.45 6.73 12.28
N PRO A 37 -6.59 7.39 12.18
CA PRO A 37 -7.50 7.24 11.00
C PRO A 37 -6.78 7.43 9.66
N GLU A 38 -5.81 8.33 9.64
CA GLU A 38 -5.07 8.60 8.42
C GLU A 38 -4.55 7.31 7.79
N SER A 39 -4.34 6.30 8.61
CA SER A 39 -3.83 5.02 8.14
C SER A 39 -4.95 4.05 7.79
N LEU A 40 -6.20 4.48 7.99
CA LEU A 40 -7.33 3.62 7.69
C LEU A 40 -7.59 3.62 6.19
N LEU A 41 -7.50 2.44 5.57
CA LEU A 41 -7.74 2.31 4.14
C LEU A 41 -8.98 1.49 3.88
N GLN A 42 -9.89 2.02 3.07
CA GLN A 42 -11.11 1.32 2.74
C GLN A 42 -10.81 0.32 1.62
N LEU A 43 -10.85 -0.97 1.95
CA LEU A 43 -10.55 -2.00 0.96
C LEU A 43 -11.80 -2.42 0.21
N LYS A 44 -11.75 -2.30 -1.11
CA LYS A 44 -12.89 -2.66 -1.96
C LYS A 44 -12.48 -3.74 -2.94
N ALA A 45 -13.39 -4.66 -3.21
CA ALA A 45 -13.13 -5.77 -4.12
C ALA A 45 -13.68 -5.46 -5.51
N LEU A 46 -12.78 -5.09 -6.43
CA LEU A 46 -13.20 -4.79 -7.80
C LEU A 46 -13.52 -6.07 -8.53
N LYS A 47 -12.48 -6.85 -8.82
CA LYS A 47 -12.62 -8.12 -9.52
C LYS A 47 -12.00 -9.24 -8.67
N PRO A 48 -12.46 -10.46 -8.79
CA PRO A 48 -11.89 -11.58 -7.98
C PRO A 48 -10.35 -11.57 -8.03
N GLY A 49 -9.73 -11.40 -6.86
CA GLY A 49 -8.27 -11.39 -6.76
C GLY A 49 -7.71 -9.96 -6.85
N VAL A 50 -8.55 -9.01 -7.25
CA VAL A 50 -8.13 -7.60 -7.38
C VAL A 50 -8.97 -6.72 -6.45
N ILE A 51 -8.28 -5.87 -5.68
CA ILE A 51 -8.95 -4.96 -4.73
C ILE A 51 -8.42 -3.55 -4.88
N GLN A 52 -9.12 -2.60 -4.25
CA GLN A 52 -8.72 -1.18 -4.27
C GLN A 52 -8.73 -0.62 -2.85
N ILE A 53 -7.84 0.33 -2.58
CA ILE A 53 -7.74 0.95 -1.26
C ILE A 53 -8.03 2.45 -1.34
N LEU A 54 -8.96 2.90 -0.50
CA LEU A 54 -9.36 4.31 -0.46
C LEU A 54 -9.31 4.82 0.99
N GLY A 55 -8.43 5.78 1.23
CA GLY A 55 -8.26 6.36 2.57
C GLY A 55 -9.51 7.13 2.99
N VAL A 56 -10.12 6.70 4.09
CA VAL A 56 -11.34 7.36 4.56
C VAL A 56 -11.08 8.80 5.01
N LYS A 57 -10.01 9.02 5.75
CA LYS A 57 -9.70 10.37 6.22
C LYS A 57 -9.35 11.31 5.08
N THR A 58 -8.50 10.85 4.17
CA THR A 58 -8.06 11.68 3.05
C THR A 58 -8.99 11.56 1.84
N SER A 59 -9.73 10.46 1.77
CA SER A 59 -10.63 10.26 0.63
C SER A 59 -9.82 10.16 -0.66
N ARG A 60 -8.54 9.80 -0.52
CA ARG A 60 -7.65 9.67 -1.67
C ARG A 60 -7.42 8.20 -2.00
N PHE A 61 -7.39 7.89 -3.29
CA PHE A 61 -7.16 6.52 -3.73
C PHE A 61 -5.66 6.26 -3.84
N LEU A 62 -5.16 5.33 -3.05
CA LEU A 62 -3.73 5.02 -3.08
C LEU A 62 -3.40 4.28 -4.36
N CYS A 63 -2.72 4.97 -5.28
CA CYS A 63 -2.31 4.38 -6.55
C CYS A 63 -0.80 4.42 -6.71
N GLN A 64 -0.26 3.40 -7.40
CA GLN A 64 1.18 3.28 -7.61
C GLN A 64 1.53 3.64 -9.06
N ARG A 65 2.55 4.48 -9.22
CA ARG A 65 2.98 4.93 -10.55
C ARG A 65 3.96 3.92 -11.18
N PRO A 66 4.26 4.05 -12.46
CA PRO A 66 5.22 3.13 -13.15
C PRO A 66 6.56 3.09 -12.42
N ASP A 67 6.92 4.22 -11.82
CA ASP A 67 8.17 4.32 -11.07
C ASP A 67 8.11 3.43 -9.85
N GLY A 68 6.90 2.98 -9.52
CA GLY A 68 6.70 2.11 -8.37
C GLY A 68 6.50 2.93 -7.10
N ALA A 69 6.29 4.24 -7.27
CA ALA A 69 6.09 5.12 -6.13
C ALA A 69 4.61 5.13 -5.72
N LEU A 70 4.37 5.21 -4.42
CA LEU A 70 3.00 5.22 -3.88
C LEU A 70 2.55 6.66 -3.59
N TYR A 71 1.32 6.99 -4.01
CA TYR A 71 0.80 8.32 -3.76
C TYR A 71 -0.74 8.33 -3.77
N GLY A 72 -1.33 9.28 -3.05
CA GLY A 72 -2.78 9.40 -3.00
C GLY A 72 -3.27 10.16 -4.23
N SER A 73 -4.41 9.76 -4.78
CA SER A 73 -4.97 10.41 -5.96
C SER A 73 -6.45 10.75 -5.76
N LEU A 74 -6.92 11.77 -6.47
CA LEU A 74 -8.31 12.20 -6.38
C LEU A 74 -9.16 11.43 -7.38
N HIS A 75 -8.52 10.74 -8.31
CA HIS A 75 -9.23 9.96 -9.33
C HIS A 75 -8.85 8.50 -9.26
N PHE A 76 -9.80 7.62 -9.59
CA PHE A 76 -9.57 6.19 -9.57
C PHE A 76 -9.01 5.72 -10.92
N ASP A 77 -7.87 5.04 -10.85
CA ASP A 77 -7.21 4.52 -12.06
C ASP A 77 -6.92 3.02 -11.90
N PRO A 78 -7.75 2.15 -12.43
CA PRO A 78 -7.54 0.68 -12.29
C PRO A 78 -6.13 0.25 -12.70
N GLU A 79 -5.63 0.86 -13.77
CA GLU A 79 -4.30 0.53 -14.29
C GLU A 79 -3.18 0.88 -13.30
N ALA A 80 -3.51 1.53 -12.19
CA ALA A 80 -2.48 1.91 -11.22
C ALA A 80 -2.95 1.67 -9.78
N CYS A 81 -4.24 1.82 -9.53
CA CYS A 81 -4.78 1.65 -8.19
C CYS A 81 -5.30 0.23 -7.96
N SER A 82 -5.27 -0.60 -8.99
CA SER A 82 -5.71 -1.98 -8.84
C SER A 82 -4.55 -2.80 -8.30
N PHE A 83 -4.82 -3.62 -7.28
CA PHE A 83 -3.76 -4.43 -6.67
C PHE A 83 -4.21 -5.87 -6.50
N ARG A 84 -3.25 -6.78 -6.63
CA ARG A 84 -3.50 -8.21 -6.46
C ARG A 84 -3.08 -8.63 -5.06
N GLU A 85 -3.89 -9.45 -4.40
CA GLU A 85 -3.56 -9.87 -3.03
C GLU A 85 -2.73 -11.15 -3.04
N LEU A 86 -1.54 -11.07 -2.45
CA LEU A 86 -0.65 -12.22 -2.36
C LEU A 86 -0.61 -12.66 -0.91
N LEU A 87 -1.06 -13.89 -0.65
CA LEU A 87 -1.11 -14.40 0.72
C LEU A 87 -0.09 -15.52 0.88
N LEU A 88 0.90 -15.31 1.74
CA LEU A 88 1.95 -16.29 1.97
C LEU A 88 1.48 -17.34 2.97
N GLU A 89 1.99 -18.57 2.80
CA GLU A 89 1.65 -19.66 3.68
C GLU A 89 2.02 -19.32 5.11
N ASP A 90 3.07 -18.51 5.23
CA ASP A 90 3.55 -18.09 6.54
C ASP A 90 2.52 -17.19 7.22
N GLY A 91 1.48 -16.84 6.47
CA GLY A 91 0.40 -16.00 7.02
C GLY A 91 0.66 -14.51 6.82
N TYR A 92 1.56 -14.15 5.90
CA TYR A 92 1.86 -12.75 5.63
C TYR A 92 1.19 -12.33 4.32
N ASN A 93 0.63 -11.12 4.31
CA ASN A 93 -0.08 -10.61 3.11
C ASN A 93 0.72 -9.51 2.44
N VAL A 94 0.72 -9.51 1.11
CA VAL A 94 1.43 -8.49 0.33
C VAL A 94 0.56 -8.04 -0.84
N TYR A 95 0.82 -6.84 -1.35
CA TYR A 95 0.05 -6.29 -2.47
C TYR A 95 0.96 -5.97 -3.66
N GLN A 96 0.42 -6.13 -4.87
CA GLN A 96 1.17 -5.86 -6.08
C GLN A 96 0.23 -5.39 -7.18
N SER A 97 0.68 -4.43 -8.00
CA SER A 97 -0.15 -3.93 -9.07
C SER A 97 -0.43 -5.04 -10.08
N GLU A 98 -1.69 -5.34 -10.28
CA GLU A 98 -2.07 -6.40 -11.21
C GLU A 98 -1.83 -5.96 -12.65
N ALA A 99 -1.94 -4.67 -12.91
CA ALA A 99 -1.77 -4.14 -14.26
C ALA A 99 -0.31 -4.12 -14.70
N HIS A 100 0.54 -3.46 -13.93
CA HIS A 100 1.97 -3.34 -14.28
C HIS A 100 2.83 -4.42 -13.62
N GLY A 101 2.30 -5.08 -12.58
CA GLY A 101 3.08 -6.12 -11.91
C GLY A 101 4.16 -5.51 -11.02
N LEU A 102 4.01 -4.22 -10.70
CA LEU A 102 4.99 -3.52 -9.87
C LEU A 102 4.78 -3.88 -8.37
N PRO A 103 5.74 -4.48 -7.69
CA PRO A 103 5.59 -4.81 -6.25
C PRO A 103 5.26 -3.57 -5.42
N LEU A 104 4.50 -3.76 -4.34
CA LEU A 104 4.10 -2.65 -3.47
C LEU A 104 5.08 -2.49 -2.31
N HIS A 105 5.57 -1.26 -2.13
CA HIS A 105 6.52 -0.97 -1.06
C HIS A 105 6.44 0.51 -0.68
N LEU A 106 6.75 0.82 0.57
CA LEU A 106 6.71 2.20 1.01
C LEU A 106 7.68 3.04 0.16
N PRO A 107 7.50 4.34 0.07
CA PRO A 107 8.43 5.21 -0.73
C PRO A 107 9.88 5.08 -0.26
N GLY A 108 10.82 5.13 -1.21
CA GLY A 108 12.24 5.02 -0.90
C GLY A 108 13.05 6.01 -1.71
N ASN A 109 12.36 6.76 -2.55
CA ASN A 109 13.01 7.76 -3.40
C ASN A 109 14.12 7.12 -4.22
N LYS A 110 13.90 5.87 -4.61
CA LYS A 110 14.87 5.13 -5.42
C LYS A 110 16.30 5.38 -4.95
N SER A 111 17.25 4.96 -5.76
CA SER A 111 18.67 5.12 -5.43
C SER A 111 19.50 5.00 -6.71
N PRO A 112 20.75 5.40 -6.68
CA PRO A 112 21.64 5.34 -7.87
C PRO A 112 21.82 3.90 -8.35
N HIS A 113 21.95 3.73 -9.66
CA HIS A 113 22.10 2.40 -10.24
C HIS A 113 23.34 1.70 -9.68
N ARG A 114 23.14 0.50 -9.13
CA ARG A 114 24.24 -0.27 -8.57
C ARG A 114 23.85 -1.74 -8.45
N ASP A 115 24.81 -2.58 -8.09
CA ASP A 115 24.55 -4.02 -7.94
C ASP A 115 23.21 -4.23 -7.21
N PRO A 116 22.63 -5.41 -7.27
CA PRO A 116 21.33 -5.67 -6.58
C PRO A 116 21.42 -5.39 -5.08
N ALA A 117 20.30 -4.98 -4.50
CA ALA A 117 20.25 -4.67 -3.08
C ALA A 117 18.88 -4.11 -2.69
N PRO A 118 18.29 -3.26 -3.51
CA PRO A 118 16.95 -2.67 -3.23
C PRO A 118 15.87 -3.72 -3.04
N ARG A 119 16.09 -4.90 -3.61
CA ARG A 119 15.11 -5.98 -3.48
C ARG A 119 14.74 -6.18 -2.02
N GLY A 120 13.44 -6.30 -1.75
CA GLY A 120 12.97 -6.51 -0.38
C GLY A 120 11.57 -5.92 -0.19
N PRO A 121 10.57 -6.55 -0.74
CA PRO A 121 9.17 -6.08 -0.61
C PRO A 121 8.72 -6.08 0.86
N ALA A 122 7.86 -5.13 1.22
CA ALA A 122 7.38 -5.02 2.58
C ALA A 122 6.12 -5.86 2.80
N ARG A 123 6.15 -6.73 3.80
CA ARG A 123 5.00 -7.55 4.12
C ARG A 123 3.98 -6.71 4.86
N PHE A 124 2.71 -6.80 4.45
CA PHE A 124 1.64 -6.04 5.08
C PHE A 124 0.60 -6.96 5.71
N LEU A 125 0.07 -6.50 6.84
CA LEU A 125 -0.94 -7.26 7.58
C LEU A 125 -2.14 -6.36 7.90
N PRO A 126 -3.15 -6.35 7.06
CA PRO A 126 -4.36 -5.51 7.31
C PRO A 126 -5.01 -5.83 8.66
N LEU A 127 -5.37 -4.79 9.42
CA LEU A 127 -6.01 -4.98 10.72
C LEU A 127 -7.51 -4.64 10.60
N PRO A 128 -8.43 -5.54 10.87
CA PRO A 128 -9.87 -5.23 10.77
C PRO A 128 -10.22 -3.94 11.52
N GLY A 129 -10.89 -3.02 10.84
CA GLY A 129 -11.28 -1.74 11.44
C GLY A 129 -12.74 -1.75 11.86
N GLY A 1 -22.26 -4.17 -0.33
CA GLY A 1 -21.49 -3.77 0.89
C GLY A 1 -20.24 -4.63 1.03
N GLN A 2 -19.42 -4.66 -0.02
CA GLN A 2 -18.18 -5.45 0.01
C GLN A 2 -16.99 -4.54 0.29
N VAL A 3 -17.07 -3.77 1.38
CA VAL A 3 -15.99 -2.87 1.76
C VAL A 3 -15.74 -2.92 3.26
N ARG A 4 -14.45 -2.87 3.63
CA ARG A 4 -14.09 -2.94 5.05
C ARG A 4 -12.87 -2.05 5.32
N GLN A 5 -12.75 -1.57 6.56
CA GLN A 5 -11.63 -0.69 6.95
C GLN A 5 -10.50 -1.50 7.60
N ARG A 6 -9.28 -1.33 7.09
CA ARG A 6 -8.12 -2.05 7.63
C ARG A 6 -6.85 -1.22 7.49
N TYR A 7 -5.91 -1.40 8.42
CA TYR A 7 -4.61 -0.70 8.37
C TYR A 7 -3.60 -1.59 7.65
N LEU A 8 -2.85 -1.02 6.70
CA LEU A 8 -1.83 -1.81 5.99
C LEU A 8 -0.54 -1.75 6.81
N TYR A 9 -0.05 -2.91 7.26
CA TYR A 9 1.14 -2.96 8.11
C TYR A 9 2.20 -3.94 7.59
N THR A 10 3.46 -3.51 7.65
CA THR A 10 4.59 -4.35 7.23
C THR A 10 5.82 -4.01 8.06
N SER A 11 6.84 -4.87 8.00
CA SER A 11 8.08 -4.64 8.74
C SER A 11 9.21 -4.35 7.76
N GLY A 12 10.16 -3.50 8.18
CA GLY A 12 11.28 -3.15 7.33
C GLY A 12 12.47 -2.67 8.16
N PRO A 13 12.28 -1.68 8.99
CA PRO A 13 13.36 -1.13 9.86
C PRO A 13 13.90 -2.19 10.83
N HIS A 14 15.19 -2.12 11.13
CA HIS A 14 15.81 -3.08 12.04
C HIS A 14 15.35 -2.79 13.47
N GLY A 15 14.23 -3.40 13.85
CA GLY A 15 13.69 -3.20 15.20
C GLY A 15 13.39 -1.73 15.44
N LEU A 16 13.69 -1.25 16.64
CA LEU A 16 13.45 0.15 16.99
C LEU A 16 11.96 0.49 16.90
N SER A 17 11.46 0.52 15.67
CA SER A 17 10.06 0.85 15.43
C SER A 17 9.56 0.18 14.16
N SER A 18 8.25 -0.08 14.11
CA SER A 18 7.65 -0.72 12.93
C SER A 18 7.18 0.31 11.91
N CYS A 19 6.85 -0.17 10.71
CA CYS A 19 6.40 0.71 9.62
C CYS A 19 4.92 0.52 9.30
N HIS A 20 4.19 1.64 9.26
CA HIS A 20 2.76 1.67 8.93
C HIS A 20 2.55 2.49 7.67
N LEU A 21 1.86 1.93 6.69
CA LEU A 21 1.63 2.66 5.45
C LEU A 21 0.70 3.85 5.71
N GLU A 22 1.13 5.02 5.28
CA GLU A 22 0.34 6.25 5.46
C GLU A 22 0.32 7.07 4.17
N ILE A 23 -0.81 7.74 3.92
CA ILE A 23 -0.95 8.56 2.70
C ILE A 23 -1.04 10.05 3.05
N ARG A 24 -0.26 10.85 2.34
CA ARG A 24 -0.23 12.29 2.53
C ARG A 24 -1.33 12.97 1.71
N GLU A 25 -1.78 14.12 2.17
CA GLU A 25 -2.79 14.87 1.46
C GLU A 25 -2.19 15.36 0.15
N ASP A 26 -0.89 15.61 0.20
CA ASP A 26 -0.16 16.07 -0.95
C ASP A 26 -0.05 14.95 -1.99
N GLY A 27 -0.50 13.76 -1.58
CA GLY A 27 -0.46 12.59 -2.45
C GLY A 27 0.84 11.81 -2.25
N THR A 28 1.62 12.18 -1.24
CA THR A 28 2.88 11.48 -0.97
C THR A 28 2.59 10.17 -0.23
N VAL A 29 3.54 9.24 -0.31
CA VAL A 29 3.37 7.93 0.33
C VAL A 29 4.64 7.55 1.10
N GLY A 30 4.45 6.99 2.30
CA GLY A 30 5.58 6.58 3.13
C GLY A 30 5.12 5.68 4.27
N CYS A 31 6.04 5.32 5.15
CA CYS A 31 5.73 4.46 6.29
C CYS A 31 5.59 5.29 7.58
N ALA A 32 4.87 4.74 8.57
CA ALA A 32 4.66 5.42 9.86
C ALA A 32 4.97 4.47 11.01
N ALA A 33 5.49 5.01 12.10
CA ALA A 33 5.83 4.21 13.29
C ALA A 33 4.91 4.56 14.47
N ASP A 34 4.09 5.61 14.32
CA ASP A 34 3.20 6.04 15.39
C ASP A 34 1.73 5.74 15.08
N GLN A 35 1.49 4.92 14.07
CA GLN A 35 0.13 4.55 13.71
C GLN A 35 -0.80 5.77 13.73
N SER A 36 -1.05 6.33 12.55
CA SER A 36 -1.92 7.52 12.44
C SER A 36 -3.17 7.22 11.59
N PRO A 37 -4.25 7.96 11.74
CA PRO A 37 -5.49 7.71 10.94
C PRO A 37 -5.20 7.63 9.44
N GLU A 38 -4.29 8.46 8.95
CA GLU A 38 -3.96 8.46 7.54
C GLU A 38 -3.57 7.06 7.07
N SER A 39 -3.26 6.19 8.03
CA SER A 39 -2.87 4.82 7.70
C SER A 39 -4.11 3.93 7.60
N LEU A 40 -5.25 4.50 7.95
CA LEU A 40 -6.51 3.80 7.90
C LEU A 40 -7.02 3.85 6.46
N LEU A 41 -7.07 2.69 5.81
CA LEU A 41 -7.49 2.63 4.41
C LEU A 41 -8.71 1.75 4.23
N GLN A 42 -9.69 2.27 3.51
CA GLN A 42 -10.91 1.51 3.24
C GLN A 42 -10.62 0.48 2.16
N LEU A 43 -10.79 -0.79 2.49
CA LEU A 43 -10.57 -1.86 1.53
C LEU A 43 -11.85 -2.13 0.77
N LYS A 44 -11.83 -1.88 -0.53
CA LYS A 44 -13.00 -2.09 -1.38
C LYS A 44 -12.75 -3.23 -2.35
N ALA A 45 -13.69 -4.16 -2.43
CA ALA A 45 -13.56 -5.30 -3.33
C ALA A 45 -14.27 -5.03 -4.66
N LEU A 46 -13.50 -4.71 -5.69
CA LEU A 46 -14.07 -4.43 -7.01
C LEU A 46 -14.59 -5.72 -7.63
N LYS A 47 -13.71 -6.71 -7.70
CA LYS A 47 -14.04 -8.01 -8.29
C LYS A 47 -13.32 -9.11 -7.52
N PRO A 48 -13.84 -10.32 -7.47
CA PRO A 48 -13.15 -11.43 -6.75
C PRO A 48 -11.65 -11.45 -7.03
N GLY A 49 -10.85 -11.11 -6.02
CA GLY A 49 -9.39 -11.11 -6.15
C GLY A 49 -8.85 -9.70 -6.41
N VAL A 50 -9.72 -8.80 -6.86
CA VAL A 50 -9.30 -7.41 -7.16
C VAL A 50 -9.86 -6.48 -6.10
N ILE A 51 -9.00 -5.64 -5.53
CA ILE A 51 -9.43 -4.70 -4.49
C ILE A 51 -8.87 -3.30 -4.73
N GLN A 52 -9.42 -2.33 -4.01
CA GLN A 52 -9.02 -0.93 -4.09
C GLN A 52 -8.83 -0.40 -2.68
N ILE A 53 -7.88 0.52 -2.50
CA ILE A 53 -7.60 1.10 -1.18
C ILE A 53 -7.87 2.61 -1.19
N LEU A 54 -8.71 3.07 -0.27
CA LEU A 54 -9.07 4.49 -0.18
C LEU A 54 -8.88 5.00 1.25
N GLY A 55 -8.04 6.03 1.42
CA GLY A 55 -7.76 6.60 2.73
C GLY A 55 -8.90 7.50 3.19
N VAL A 56 -9.38 7.27 4.40
CA VAL A 56 -10.48 8.05 4.95
C VAL A 56 -10.06 9.49 5.24
N LYS A 57 -8.89 9.64 5.85
CA LYS A 57 -8.40 10.97 6.19
C LYS A 57 -8.11 11.79 4.93
N THR A 58 -7.45 11.16 3.96
CA THR A 58 -7.08 11.84 2.73
C THR A 58 -8.18 11.74 1.66
N SER A 59 -8.99 10.70 1.72
CA SER A 59 -10.05 10.52 0.73
C SER A 59 -9.43 10.38 -0.67
N ARG A 60 -8.16 9.99 -0.70
CA ARG A 60 -7.42 9.81 -1.96
C ARG A 60 -7.22 8.33 -2.25
N PHE A 61 -7.42 7.94 -3.50
CA PHE A 61 -7.25 6.55 -3.90
C PHE A 61 -5.78 6.24 -4.18
N LEU A 62 -5.28 5.14 -3.62
CA LEU A 62 -3.89 4.75 -3.82
C LEU A 62 -3.74 3.93 -5.10
N CYS A 63 -3.05 4.52 -6.08
CA CYS A 63 -2.82 3.86 -7.37
C CYS A 63 -1.34 3.91 -7.74
N GLN A 64 -0.86 2.87 -8.40
CA GLN A 64 0.56 2.80 -8.80
C GLN A 64 0.71 3.08 -10.28
N ARG A 65 1.65 3.97 -10.60
CA ARG A 65 1.89 4.36 -12.00
C ARG A 65 2.82 3.36 -12.71
N PRO A 66 2.96 3.46 -14.01
CA PRO A 66 3.86 2.56 -14.79
C PRO A 66 5.27 2.54 -14.21
N ASP A 67 5.66 3.67 -13.61
CA ASP A 67 6.98 3.80 -13.02
C ASP A 67 7.07 2.96 -11.75
N GLY A 68 5.93 2.43 -11.30
CA GLY A 68 5.90 1.62 -10.10
C GLY A 68 5.86 2.50 -8.85
N ALA A 69 5.59 3.79 -9.06
CA ALA A 69 5.52 4.72 -7.95
C ALA A 69 4.12 4.77 -7.37
N LEU A 70 4.03 4.92 -6.04
CA LEU A 70 2.75 4.96 -5.35
C LEU A 70 2.32 6.41 -5.13
N TYR A 71 1.05 6.71 -5.42
CA TYR A 71 0.56 8.08 -5.21
C TYR A 71 -0.95 8.11 -4.99
N GLY A 72 -1.40 9.04 -4.15
CA GLY A 72 -2.82 9.19 -3.88
C GLY A 72 -3.49 9.91 -5.05
N SER A 73 -4.64 9.38 -5.48
CA SER A 73 -5.37 9.99 -6.60
C SER A 73 -6.80 10.29 -6.19
N LEU A 74 -7.31 11.45 -6.62
CA LEU A 74 -8.67 11.85 -6.30
C LEU A 74 -9.67 11.08 -7.17
N HIS A 75 -9.22 10.71 -8.37
CA HIS A 75 -10.08 9.98 -9.31
C HIS A 75 -9.72 8.50 -9.33
N PHE A 76 -10.67 7.67 -9.77
CA PHE A 76 -10.47 6.23 -9.80
C PHE A 76 -9.95 5.76 -11.16
N ASP A 77 -8.95 4.87 -11.13
CA ASP A 77 -8.37 4.31 -12.35
C ASP A 77 -8.12 2.81 -12.16
N PRO A 78 -8.88 1.93 -12.80
CA PRO A 78 -8.68 0.47 -12.60
C PRO A 78 -7.38 -0.03 -13.24
N GLU A 79 -6.88 0.71 -14.22
CA GLU A 79 -5.65 0.33 -14.91
C GLU A 79 -4.44 0.53 -14.01
N ALA A 80 -4.64 1.16 -12.86
CA ALA A 80 -3.52 1.39 -11.93
C ALA A 80 -3.95 1.19 -10.48
N CYS A 81 -5.21 1.49 -10.19
CA CYS A 81 -5.72 1.36 -8.82
C CYS A 81 -6.12 -0.07 -8.49
N SER A 82 -6.26 -0.93 -9.49
CA SER A 82 -6.63 -2.31 -9.24
C SER A 82 -5.42 -3.12 -8.79
N PHE A 83 -5.62 -3.98 -7.80
CA PHE A 83 -4.54 -4.81 -7.27
C PHE A 83 -5.04 -6.22 -6.99
N ARG A 84 -4.18 -7.20 -7.24
CA ARG A 84 -4.52 -8.60 -6.97
C ARG A 84 -3.97 -9.00 -5.60
N GLU A 85 -4.73 -9.76 -4.83
CA GLU A 85 -4.30 -10.18 -3.51
C GLU A 85 -3.53 -11.51 -3.59
N LEU A 86 -2.30 -11.48 -3.08
CA LEU A 86 -1.44 -12.67 -3.11
C LEU A 86 -1.21 -13.18 -1.68
N LEU A 87 -1.38 -14.49 -1.49
CA LEU A 87 -1.17 -15.10 -0.16
C LEU A 87 0.00 -16.07 -0.21
N LEU A 88 0.91 -15.91 0.74
CA LEU A 88 2.09 -16.76 0.83
C LEU A 88 1.86 -17.86 1.85
N GLU A 89 2.38 -19.05 1.58
CA GLU A 89 2.21 -20.18 2.47
C GLU A 89 2.70 -19.81 3.88
N ASP A 90 3.52 -18.77 3.95
CA ASP A 90 4.06 -18.31 5.21
C ASP A 90 3.00 -17.56 6.02
N GLY A 91 1.84 -17.32 5.40
CA GLY A 91 0.75 -16.61 6.06
C GLY A 91 0.87 -15.10 5.87
N TYR A 92 1.63 -14.69 4.86
CA TYR A 92 1.82 -13.26 4.57
C TYR A 92 1.05 -12.88 3.32
N ASN A 93 0.45 -11.69 3.33
CA ASN A 93 -0.34 -11.22 2.19
C ASN A 93 0.38 -10.08 1.48
N VAL A 94 0.36 -10.10 0.15
CA VAL A 94 1.01 -9.06 -0.65
C VAL A 94 0.06 -8.55 -1.73
N TYR A 95 0.32 -7.35 -2.23
CA TYR A 95 -0.52 -6.75 -3.26
C TYR A 95 0.30 -6.50 -4.53
N GLN A 96 -0.30 -6.79 -5.67
CA GLN A 96 0.35 -6.62 -6.97
C GLN A 96 -0.62 -5.99 -7.97
N SER A 97 -0.12 -5.08 -8.78
CA SER A 97 -0.98 -4.43 -9.77
C SER A 97 -1.33 -5.44 -10.87
N GLU A 98 -2.60 -5.49 -11.25
CA GLU A 98 -3.05 -6.44 -12.27
C GLU A 98 -2.81 -5.89 -13.67
N ALA A 99 -2.88 -4.57 -13.80
CA ALA A 99 -2.71 -3.92 -15.10
C ALA A 99 -1.28 -4.03 -15.64
N HIS A 100 -0.30 -3.63 -14.83
CA HIS A 100 1.10 -3.65 -15.26
C HIS A 100 1.89 -4.80 -14.64
N GLY A 101 1.39 -5.38 -13.56
CA GLY A 101 2.11 -6.47 -12.91
C GLY A 101 3.20 -5.92 -12.00
N LEU A 102 3.14 -4.63 -11.71
CA LEU A 102 4.14 -3.98 -10.87
C LEU A 102 3.94 -4.36 -9.39
N PRO A 103 5.00 -4.69 -8.67
CA PRO A 103 4.89 -5.04 -7.23
C PRO A 103 4.67 -3.79 -6.38
N LEU A 104 4.01 -3.95 -5.23
CA LEU A 104 3.75 -2.82 -4.35
C LEU A 104 4.85 -2.69 -3.30
N HIS A 105 5.46 -1.52 -3.22
CA HIS A 105 6.54 -1.27 -2.27
C HIS A 105 6.61 0.20 -1.88
N LEU A 106 7.28 0.49 -0.77
CA LEU A 106 7.42 1.86 -0.30
C LEU A 106 8.54 2.58 -1.05
N PRO A 107 8.26 3.62 -1.82
CA PRO A 107 9.33 4.33 -2.57
C PRO A 107 10.18 5.22 -1.66
N GLY A 108 11.49 5.20 -1.89
CA GLY A 108 12.41 6.01 -1.10
C GLY A 108 12.70 7.34 -1.78
N ASN A 109 13.24 7.28 -3.00
CA ASN A 109 13.57 8.48 -3.76
C ASN A 109 14.17 9.54 -2.86
N LYS A 110 14.27 10.77 -3.37
CA LYS A 110 14.83 11.87 -2.60
C LYS A 110 16.35 11.67 -2.39
N SER A 111 16.80 10.42 -2.48
CA SER A 111 18.21 10.13 -2.29
C SER A 111 18.52 8.69 -2.76
N PRO A 112 19.57 8.47 -3.55
CA PRO A 112 19.91 7.09 -3.99
C PRO A 112 20.00 6.12 -2.81
N HIS A 113 19.50 4.90 -3.00
CA HIS A 113 19.52 3.91 -1.93
C HIS A 113 20.95 3.44 -1.67
N ARG A 114 21.47 3.81 -0.50
CA ARG A 114 22.82 3.43 -0.11
C ARG A 114 22.87 1.96 0.32
N ASP A 115 21.91 1.55 1.14
CA ASP A 115 21.85 0.19 1.63
C ASP A 115 21.18 -0.72 0.60
N PRO A 116 21.45 -2.02 0.59
CA PRO A 116 20.82 -2.93 -0.40
C PRO A 116 19.29 -2.81 -0.37
N ALA A 117 18.66 -2.84 -1.54
CA ALA A 117 17.21 -2.72 -1.62
C ALA A 117 16.56 -4.04 -1.17
N PRO A 118 15.25 -4.09 -1.07
CA PRO A 118 14.54 -5.33 -0.64
C PRO A 118 14.82 -6.50 -1.59
N ARG A 119 14.99 -7.69 -1.02
CA ARG A 119 15.26 -8.88 -1.82
C ARG A 119 14.06 -9.16 -2.73
N GLY A 120 12.87 -9.00 -2.18
CA GLY A 120 11.64 -9.23 -2.95
C GLY A 120 10.58 -8.20 -2.59
N PRO A 121 9.35 -8.44 -2.97
CA PRO A 121 8.22 -7.50 -2.69
C PRO A 121 7.98 -7.34 -1.18
N ALA A 122 7.49 -6.16 -0.79
CA ALA A 122 7.23 -5.90 0.62
C ALA A 122 5.98 -6.64 1.09
N ARG A 123 6.17 -7.54 2.05
CA ARG A 123 5.05 -8.30 2.59
C ARG A 123 4.23 -7.41 3.50
N PHE A 124 2.91 -7.54 3.42
CA PHE A 124 2.00 -6.71 4.22
C PHE A 124 0.99 -7.58 4.98
N LEU A 125 0.60 -7.08 6.15
CA LEU A 125 -0.37 -7.75 7.02
C LEU A 125 -1.48 -6.75 7.35
N PRO A 126 -2.67 -6.87 6.81
CA PRO A 126 -3.76 -5.90 7.09
C PRO A 126 -4.42 -6.11 8.45
N LEU A 127 -4.47 -5.05 9.25
CA LEU A 127 -5.09 -5.11 10.59
C LEU A 127 -6.56 -4.72 10.48
N PRO A 128 -7.41 -5.23 11.34
CA PRO A 128 -8.86 -4.87 11.31
C PRO A 128 -9.10 -3.43 11.78
N GLY A 129 -9.70 -2.61 10.89
CA GLY A 129 -9.98 -1.22 11.22
C GLY A 129 -11.33 -1.08 11.91
N GLY A 1 -16.59 -10.17 4.35
CA GLY A 1 -17.18 -8.82 4.15
C GLY A 1 -16.72 -8.25 2.81
N GLN A 2 -17.61 -7.55 2.12
CA GLN A 2 -17.28 -6.97 0.83
C GLN A 2 -16.20 -5.90 0.99
N VAL A 3 -16.32 -5.11 2.06
CA VAL A 3 -15.35 -4.05 2.34
C VAL A 3 -14.94 -4.09 3.81
N ARG A 4 -13.65 -3.85 4.05
CA ARG A 4 -13.10 -3.88 5.41
C ARG A 4 -12.08 -2.75 5.62
N GLN A 5 -11.95 -2.30 6.87
CA GLN A 5 -11.00 -1.23 7.20
C GLN A 5 -9.79 -1.83 7.92
N ARG A 6 -8.58 -1.62 7.38
CA ARG A 6 -7.38 -2.15 8.01
C ARG A 6 -6.17 -1.26 7.76
N TYR A 7 -5.21 -1.29 8.69
CA TYR A 7 -3.99 -0.48 8.56
C TYR A 7 -2.91 -1.30 7.85
N LEU A 8 -2.20 -0.68 6.91
CA LEU A 8 -1.13 -1.38 6.19
C LEU A 8 0.19 -1.25 6.93
N TYR A 9 0.72 -2.39 7.39
CA TYR A 9 1.98 -2.42 8.14
C TYR A 9 2.94 -3.45 7.52
N THR A 10 4.21 -3.07 7.36
CA THR A 10 5.22 -3.98 6.80
C THR A 10 6.51 -3.93 7.61
N SER A 11 7.28 -5.01 7.53
CA SER A 11 8.54 -5.11 8.26
C SER A 11 9.71 -4.70 7.35
N GLY A 12 10.59 -3.85 7.87
CA GLY A 12 11.76 -3.38 7.11
C GLY A 12 13.04 -3.75 7.85
N PRO A 13 14.17 -3.32 7.36
CA PRO A 13 15.48 -3.61 7.99
C PRO A 13 15.49 -3.25 9.48
N HIS A 14 14.89 -2.10 9.78
CA HIS A 14 14.80 -1.62 11.15
C HIS A 14 13.73 -0.54 11.27
N GLY A 15 14.00 0.61 10.66
CA GLY A 15 13.04 1.71 10.70
C GLY A 15 12.98 2.35 12.08
N LEU A 16 13.89 1.91 12.96
CA LEU A 16 13.95 2.43 14.32
C LEU A 16 12.75 1.95 15.13
N SER A 17 11.56 2.32 14.67
CA SER A 17 10.32 1.93 15.35
C SER A 17 9.31 1.40 14.33
N SER A 18 8.06 1.29 14.75
CA SER A 18 7.01 0.78 13.87
C SER A 18 6.91 1.62 12.60
N CYS A 19 6.56 0.97 11.50
CA CYS A 19 6.42 1.66 10.20
C CYS A 19 5.08 1.32 9.57
N HIS A 20 4.24 2.34 9.40
CA HIS A 20 2.90 2.16 8.81
C HIS A 20 2.79 2.97 7.52
N LEU A 21 2.10 2.43 6.54
CA LEU A 21 1.91 3.13 5.28
C LEU A 21 0.92 4.28 5.49
N GLU A 22 1.28 5.47 5.03
CA GLU A 22 0.40 6.64 5.20
C GLU A 22 0.28 7.42 3.91
N ILE A 23 -0.90 8.00 3.69
CA ILE A 23 -1.15 8.82 2.51
C ILE A 23 -1.48 10.24 2.94
N ARG A 24 -0.75 11.20 2.40
CA ARG A 24 -0.98 12.61 2.76
C ARG A 24 -2.12 13.18 1.93
N GLU A 25 -2.69 14.26 2.43
CA GLU A 25 -3.77 14.95 1.76
C GLU A 25 -3.23 15.62 0.52
N ASP A 26 -1.94 15.91 0.54
CA ASP A 26 -1.28 16.53 -0.59
C ASP A 26 -1.21 15.53 -1.73
N GLY A 27 -1.53 14.28 -1.41
CA GLY A 27 -1.52 13.20 -2.38
C GLY A 27 -0.19 12.44 -2.36
N THR A 28 0.68 12.76 -1.41
CA THR A 28 1.97 12.08 -1.32
C THR A 28 1.85 10.81 -0.46
N VAL A 29 2.84 9.93 -0.55
CA VAL A 29 2.81 8.66 0.19
C VAL A 29 4.14 8.41 0.93
N GLY A 30 4.05 7.73 2.07
CA GLY A 30 5.24 7.41 2.86
C GLY A 30 4.90 6.53 4.06
N CYS A 31 5.91 6.28 4.90
CA CYS A 31 5.73 5.45 6.10
C CYS A 31 5.41 6.34 7.30
N ALA A 32 4.84 5.72 8.36
CA ALA A 32 4.50 6.46 9.58
C ALA A 32 4.82 5.62 10.81
N ALA A 33 5.27 6.29 11.88
CA ALA A 33 5.62 5.60 13.13
C ALA A 33 4.63 5.96 14.24
N ASP A 34 3.72 6.90 13.95
CA ASP A 34 2.74 7.33 14.96
C ASP A 34 1.39 6.65 14.73
N GLN A 35 1.31 5.80 13.71
CA GLN A 35 0.09 5.08 13.39
C GLN A 35 -1.14 5.98 13.61
N SER A 36 -1.56 6.68 12.56
CA SER A 36 -2.72 7.58 12.65
C SER A 36 -3.76 7.21 11.59
N PRO A 37 -4.89 7.89 11.58
CA PRO A 37 -5.99 7.60 10.60
C PRO A 37 -5.52 7.62 9.15
N GLU A 38 -4.56 8.47 8.85
CA GLU A 38 -4.04 8.57 7.50
C GLU A 38 -3.54 7.22 7.01
N SER A 39 -3.17 6.34 7.95
CA SER A 39 -2.68 5.02 7.62
C SER A 39 -3.81 4.01 7.53
N LEU A 40 -5.04 4.48 7.78
CA LEU A 40 -6.21 3.60 7.74
C LEU A 40 -6.77 3.58 6.32
N LEU A 41 -6.65 2.44 5.65
CA LEU A 41 -7.14 2.31 4.28
C LEU A 41 -8.32 1.36 4.20
N GLN A 42 -9.41 1.81 3.58
CA GLN A 42 -10.57 0.97 3.41
C GLN A 42 -10.33 0.00 2.27
N LEU A 43 -10.37 -1.29 2.58
CA LEU A 43 -10.13 -2.33 1.60
C LEU A 43 -11.45 -2.71 0.93
N LYS A 44 -11.52 -2.51 -0.39
CA LYS A 44 -12.73 -2.82 -1.15
C LYS A 44 -12.47 -3.88 -2.21
N ALA A 45 -13.42 -4.79 -2.33
CA ALA A 45 -13.33 -5.87 -3.32
C ALA A 45 -14.13 -5.50 -4.57
N LEU A 46 -13.44 -5.07 -5.62
CA LEU A 46 -14.13 -4.72 -6.86
C LEU A 46 -14.63 -5.98 -7.53
N LYS A 47 -13.73 -6.94 -7.68
CA LYS A 47 -14.05 -8.23 -8.29
C LYS A 47 -13.22 -9.32 -7.59
N PRO A 48 -13.63 -10.57 -7.63
CA PRO A 48 -12.84 -11.64 -6.99
C PRO A 48 -11.39 -11.61 -7.48
N GLY A 49 -10.45 -11.47 -6.57
CA GLY A 49 -9.03 -11.43 -6.93
C GLY A 49 -8.55 -10.00 -7.20
N VAL A 50 -9.51 -9.05 -7.27
CA VAL A 50 -9.17 -7.65 -7.51
C VAL A 50 -9.75 -6.77 -6.41
N ILE A 51 -8.93 -5.89 -5.84
CA ILE A 51 -9.37 -5.02 -4.75
C ILE A 51 -8.90 -3.58 -4.96
N GLN A 52 -9.52 -2.67 -4.19
CA GLN A 52 -9.19 -1.24 -4.23
C GLN A 52 -9.00 -0.75 -2.80
N ILE A 53 -8.06 0.19 -2.62
CA ILE A 53 -7.77 0.75 -1.29
C ILE A 53 -8.03 2.25 -1.29
N LEU A 54 -8.86 2.69 -0.34
CA LEU A 54 -9.23 4.11 -0.23
C LEU A 54 -8.97 4.63 1.19
N GLY A 55 -8.13 5.66 1.30
CA GLY A 55 -7.81 6.26 2.60
C GLY A 55 -8.97 7.12 3.09
N VAL A 56 -9.44 6.85 4.30
CA VAL A 56 -10.57 7.60 4.86
C VAL A 56 -10.23 9.06 5.17
N LYS A 57 -9.08 9.30 5.77
CA LYS A 57 -8.69 10.67 6.14
C LYS A 57 -8.54 11.55 4.91
N THR A 58 -7.89 11.03 3.87
CA THR A 58 -7.66 11.81 2.64
C THR A 58 -8.73 11.53 1.58
N SER A 59 -9.47 10.43 1.74
CA SER A 59 -10.49 10.09 0.77
C SER A 59 -9.86 9.99 -0.62
N ARG A 60 -8.56 9.63 -0.65
CA ARG A 60 -7.84 9.50 -1.90
C ARG A 60 -7.69 8.03 -2.28
N PHE A 61 -7.80 7.74 -3.57
CA PHE A 61 -7.66 6.37 -4.04
C PHE A 61 -6.21 6.07 -4.38
N LEU A 62 -5.57 5.26 -3.56
CA LEU A 62 -4.17 4.92 -3.77
C LEU A 62 -4.01 4.11 -5.05
N CYS A 63 -3.43 4.75 -6.08
CA CYS A 63 -3.17 4.07 -7.35
C CYS A 63 -1.67 4.07 -7.63
N GLN A 64 -1.24 3.16 -8.49
CA GLN A 64 0.19 3.04 -8.81
C GLN A 64 0.52 3.63 -10.18
N ARG A 65 1.62 4.35 -10.20
CA ARG A 65 2.14 5.01 -11.39
C ARG A 65 2.81 3.97 -12.30
N PRO A 66 2.71 4.07 -13.62
CA PRO A 66 3.37 3.08 -14.50
C PRO A 66 4.84 2.87 -14.13
N ASP A 67 5.46 3.92 -13.60
CA ASP A 67 6.86 3.83 -13.19
C ASP A 67 6.99 3.03 -11.90
N GLY A 68 5.85 2.60 -11.36
CA GLY A 68 5.82 1.81 -10.13
C GLY A 68 5.73 2.69 -8.89
N ALA A 69 5.43 3.98 -9.08
CA ALA A 69 5.32 4.90 -7.94
C ALA A 69 3.90 4.84 -7.37
N LEU A 70 3.75 5.30 -6.12
CA LEU A 70 2.44 5.29 -5.45
C LEU A 70 1.95 6.71 -5.18
N TYR A 71 0.67 6.97 -5.46
CA TYR A 71 0.08 8.28 -5.22
C TYR A 71 -1.42 8.20 -4.99
N GLY A 72 -1.95 9.15 -4.23
CA GLY A 72 -3.38 9.21 -3.95
C GLY A 72 -4.08 10.07 -4.99
N SER A 73 -5.27 9.68 -5.42
CA SER A 73 -6.02 10.45 -6.43
C SER A 73 -7.50 10.56 -6.06
N LEU A 74 -8.09 11.71 -6.36
CA LEU A 74 -9.50 11.93 -6.07
C LEU A 74 -10.37 11.02 -6.92
N HIS A 75 -9.98 10.84 -8.18
CA HIS A 75 -10.73 10.01 -9.11
C HIS A 75 -10.20 8.58 -9.15
N PHE A 76 -11.11 7.63 -9.05
CA PHE A 76 -10.76 6.21 -9.07
C PHE A 76 -10.34 5.80 -10.48
N ASP A 77 -9.21 5.11 -10.57
CA ASP A 77 -8.68 4.64 -11.86
C ASP A 77 -8.43 3.13 -11.81
N PRO A 78 -9.35 2.32 -12.28
CA PRO A 78 -9.19 0.83 -12.26
C PRO A 78 -7.87 0.36 -12.86
N GLU A 79 -7.52 0.97 -13.97
CA GLU A 79 -6.29 0.61 -14.68
C GLU A 79 -5.03 0.79 -13.82
N ALA A 80 -5.13 1.55 -12.73
CA ALA A 80 -3.96 1.80 -11.87
C ALA A 80 -4.25 1.47 -10.41
N CYS A 81 -5.50 1.60 -9.98
CA CYS A 81 -5.86 1.32 -8.59
C CYS A 81 -6.30 -0.13 -8.38
N SER A 82 -6.55 -0.87 -9.46
CA SER A 82 -6.93 -2.27 -9.32
C SER A 82 -5.67 -3.09 -9.06
N PHE A 83 -5.72 -3.93 -8.03
CA PHE A 83 -4.56 -4.75 -7.68
C PHE A 83 -4.95 -6.20 -7.45
N ARG A 84 -4.02 -7.10 -7.77
CA ARG A 84 -4.24 -8.53 -7.58
C ARG A 84 -3.89 -8.90 -6.14
N GLU A 85 -4.67 -9.77 -5.53
CA GLU A 85 -4.43 -10.17 -4.14
C GLU A 85 -3.51 -11.38 -4.07
N LEU A 86 -2.40 -11.25 -3.34
CA LEU A 86 -1.43 -12.33 -3.19
C LEU A 86 -1.34 -12.76 -1.73
N LEU A 87 -1.76 -13.99 -1.44
CA LEU A 87 -1.71 -14.52 -0.08
C LEU A 87 -0.57 -15.53 0.08
N LEU A 88 0.28 -15.28 1.08
CA LEU A 88 1.42 -16.14 1.36
C LEU A 88 1.02 -17.21 2.37
N GLU A 89 1.61 -18.39 2.23
CA GLU A 89 1.31 -19.49 3.14
C GLU A 89 1.58 -19.04 4.57
N ASP A 90 2.44 -18.04 4.73
CA ASP A 90 2.78 -17.53 6.05
C ASP A 90 1.69 -16.59 6.56
N GLY A 91 0.75 -16.25 5.69
CA GLY A 91 -0.37 -15.36 6.06
C GLY A 91 -0.10 -13.91 5.68
N TYR A 92 0.99 -13.66 4.95
CA TYR A 92 1.30 -12.30 4.53
C TYR A 92 0.51 -11.97 3.27
N ASN A 93 0.26 -10.69 3.04
CA ASN A 93 -0.51 -10.26 1.86
C ASN A 93 0.21 -9.14 1.12
N VAL A 94 0.24 -9.26 -0.21
CA VAL A 94 0.89 -8.26 -1.05
C VAL A 94 -0.05 -7.88 -2.19
N TYR A 95 0.20 -6.71 -2.80
CA TYR A 95 -0.64 -6.22 -3.89
C TYR A 95 0.17 -5.96 -5.16
N GLN A 96 -0.45 -6.22 -6.31
CA GLN A 96 0.19 -6.01 -7.61
C GLN A 96 -0.82 -5.49 -8.62
N SER A 97 -0.48 -4.39 -9.31
CA SER A 97 -1.36 -3.81 -10.30
C SER A 97 -1.64 -4.82 -11.41
N GLU A 98 -2.92 -5.15 -11.61
CA GLU A 98 -3.32 -6.13 -12.62
C GLU A 98 -3.17 -5.60 -14.05
N ALA A 99 -3.43 -4.32 -14.25
CA ALA A 99 -3.35 -3.73 -15.58
C ALA A 99 -1.98 -3.91 -16.24
N HIS A 100 -0.93 -3.49 -15.55
CA HIS A 100 0.44 -3.60 -16.10
C HIS A 100 1.26 -4.66 -15.37
N GLY A 101 0.69 -5.27 -14.34
CA GLY A 101 1.42 -6.29 -13.60
C GLY A 101 2.53 -5.68 -12.75
N LEU A 102 2.43 -4.37 -12.50
CA LEU A 102 3.43 -3.67 -11.72
C LEU A 102 3.31 -4.05 -10.23
N PRO A 103 4.39 -4.37 -9.55
CA PRO A 103 4.35 -4.74 -8.11
C PRO A 103 4.14 -3.51 -7.23
N LEU A 104 3.43 -3.68 -6.12
CA LEU A 104 3.18 -2.56 -5.21
C LEU A 104 4.21 -2.57 -4.09
N HIS A 105 4.94 -1.46 -3.98
CA HIS A 105 5.96 -1.34 -2.94
C HIS A 105 6.10 0.12 -2.51
N LEU A 106 6.44 0.31 -1.25
CA LEU A 106 6.61 1.65 -0.71
C LEU A 106 7.87 2.30 -1.30
N PRO A 107 7.76 3.35 -2.09
CA PRO A 107 8.97 4.01 -2.68
C PRO A 107 9.95 4.49 -1.61
N GLY A 108 11.24 4.47 -1.95
CA GLY A 108 12.28 4.92 -1.03
C GLY A 108 13.35 5.71 -1.78
N ASN A 109 13.10 6.99 -1.98
CA ASN A 109 14.05 7.84 -2.69
C ASN A 109 15.09 8.39 -1.74
N LYS A 110 16.22 7.70 -1.62
CA LYS A 110 17.31 8.12 -0.73
C LYS A 110 18.62 8.19 -1.52
N SER A 111 19.41 9.23 -1.26
CA SER A 111 20.69 9.39 -1.97
C SER A 111 21.78 8.55 -1.33
N PRO A 112 21.87 8.57 -0.02
CA PRO A 112 22.90 7.78 0.72
C PRO A 112 22.74 6.28 0.52
N HIS A 113 23.86 5.54 0.50
CA HIS A 113 23.81 4.10 0.31
C HIS A 113 23.09 3.44 1.48
N ARG A 114 22.37 2.35 1.19
CA ARG A 114 21.62 1.64 2.23
C ARG A 114 22.03 0.16 2.25
N ASP A 115 21.97 -0.44 3.44
CA ASP A 115 22.31 -1.84 3.61
C ASP A 115 21.52 -2.70 2.61
N PRO A 116 21.81 -3.99 2.49
CA PRO A 116 21.08 -4.87 1.53
C PRO A 116 19.57 -4.91 1.80
N ALA A 117 18.80 -5.05 0.72
CA ALA A 117 17.34 -5.09 0.82
C ALA A 117 16.79 -6.31 0.09
N PRO A 118 16.64 -7.44 0.76
CA PRO A 118 16.10 -8.68 0.11
C PRO A 118 14.59 -8.61 -0.09
N ARG A 119 14.09 -9.41 -1.03
CA ARG A 119 12.66 -9.42 -1.31
C ARG A 119 12.23 -8.10 -1.95
N GLY A 120 12.35 -8.03 -3.27
CA GLY A 120 11.99 -6.82 -4.03
C GLY A 120 10.79 -6.10 -3.39
N PRO A 121 9.61 -6.61 -3.61
CA PRO A 121 8.37 -5.99 -3.04
C PRO A 121 8.31 -6.13 -1.53
N ALA A 122 7.69 -5.15 -0.86
CA ALA A 122 7.58 -5.19 0.59
C ALA A 122 6.32 -5.94 1.02
N ARG A 123 6.47 -6.83 2.00
CA ARG A 123 5.33 -7.59 2.48
C ARG A 123 4.50 -6.72 3.40
N PHE A 124 3.19 -6.68 3.18
CA PHE A 124 2.29 -5.88 4.00
C PHE A 124 1.32 -6.76 4.79
N LEU A 125 1.18 -6.41 6.07
CA LEU A 125 0.31 -7.14 6.98
C LEU A 125 -0.86 -6.24 7.41
N PRO A 126 -1.99 -6.31 6.74
CA PRO A 126 -3.17 -5.47 7.11
C PRO A 126 -3.60 -5.74 8.56
N LEU A 127 -3.76 -4.68 9.36
CA LEU A 127 -4.18 -4.83 10.75
C LEU A 127 -5.68 -4.51 10.87
N PRO A 128 -6.48 -5.28 11.57
CA PRO A 128 -7.93 -4.96 11.71
C PRO A 128 -8.14 -3.49 12.09
N GLY A 129 -8.94 -2.78 11.29
CA GLY A 129 -9.19 -1.37 11.57
C GLY A 129 -10.22 -1.21 12.69
N GLY A 1 -19.38 -5.05 -3.97
CA GLY A 1 -18.69 -6.24 -3.40
C GLY A 1 -18.51 -6.07 -1.90
N GLN A 2 -17.50 -6.75 -1.35
CA GLN A 2 -17.23 -6.67 0.09
C GLN A 2 -16.14 -5.64 0.38
N VAL A 3 -16.36 -4.83 1.41
CA VAL A 3 -15.39 -3.79 1.79
C VAL A 3 -15.11 -3.85 3.29
N ARG A 4 -13.84 -3.71 3.63
CA ARG A 4 -13.40 -3.73 5.03
C ARG A 4 -12.38 -2.62 5.27
N GLN A 5 -12.46 -1.98 6.44
CA GLN A 5 -11.53 -0.91 6.79
C GLN A 5 -10.44 -1.43 7.71
N ARG A 6 -9.19 -1.34 7.26
CA ARG A 6 -8.06 -1.83 8.04
C ARG A 6 -6.78 -1.05 7.74
N TYR A 7 -5.81 -1.14 8.65
CA TYR A 7 -4.52 -0.45 8.47
C TYR A 7 -3.52 -1.33 7.75
N LEU A 8 -2.62 -0.72 6.98
CA LEU A 8 -1.58 -1.46 6.26
C LEU A 8 -0.23 -1.14 6.90
N TYR A 9 0.45 -2.17 7.41
CA TYR A 9 1.74 -2.00 8.10
C TYR A 9 2.81 -2.97 7.59
N THR A 10 4.04 -2.44 7.49
CA THR A 10 5.19 -3.25 7.05
C THR A 10 6.43 -2.82 7.84
N SER A 11 7.49 -3.61 7.75
CA SER A 11 8.74 -3.27 8.46
C SER A 11 9.95 -3.52 7.57
N GLY A 12 10.87 -2.56 7.55
CA GLY A 12 12.10 -2.69 6.75
C GLY A 12 13.33 -2.55 7.63
N PRO A 13 13.40 -1.51 8.41
CA PRO A 13 14.55 -1.25 9.33
C PRO A 13 14.62 -2.30 10.45
N HIS A 14 15.82 -2.52 10.98
CA HIS A 14 15.99 -3.49 12.05
C HIS A 14 15.07 -3.16 13.21
N GLY A 15 15.03 -1.87 13.57
CA GLY A 15 14.19 -1.41 14.66
C GLY A 15 13.94 0.09 14.55
N LEU A 16 14.54 0.86 15.45
CA LEU A 16 14.38 2.32 15.42
C LEU A 16 12.93 2.68 15.75
N SER A 17 12.04 2.41 14.82
CA SER A 17 10.62 2.73 15.02
C SER A 17 9.74 2.01 14.01
N SER A 18 8.46 1.86 14.36
CA SER A 18 7.51 1.20 13.47
C SER A 18 7.08 2.13 12.34
N CYS A 19 6.71 1.56 11.19
CA CYS A 19 6.28 2.36 10.03
C CYS A 19 4.93 1.86 9.50
N HIS A 20 3.92 2.74 9.58
CA HIS A 20 2.56 2.43 9.10
C HIS A 20 2.26 3.27 7.85
N LEU A 21 1.90 2.60 6.76
CA LEU A 21 1.63 3.31 5.51
C LEU A 21 0.63 4.46 5.73
N GLU A 22 1.02 5.65 5.29
CA GLU A 22 0.17 6.84 5.41
C GLU A 22 0.18 7.63 4.11
N ILE A 23 -0.96 8.24 3.79
CA ILE A 23 -1.07 9.03 2.57
C ILE A 23 -1.30 10.50 2.93
N ARG A 24 -0.43 11.37 2.41
CA ARG A 24 -0.55 12.80 2.68
C ARG A 24 -1.69 13.41 1.87
N GLU A 25 -2.20 14.54 2.35
CA GLU A 25 -3.27 15.26 1.66
C GLU A 25 -2.71 15.77 0.35
N ASP A 26 -1.41 16.03 0.37
CA ASP A 26 -0.71 16.54 -0.80
C ASP A 26 -0.50 15.41 -1.80
N GLY A 27 -0.86 14.20 -1.38
CA GLY A 27 -0.71 13.03 -2.25
C GLY A 27 0.64 12.36 -2.08
N THR A 28 1.39 12.76 -1.05
CA THR A 28 2.69 12.16 -0.80
C THR A 28 2.50 10.80 -0.15
N VAL A 29 3.54 9.96 -0.14
CA VAL A 29 3.44 8.63 0.44
C VAL A 29 4.64 8.33 1.35
N GLY A 30 4.35 7.73 2.49
CA GLY A 30 5.37 7.37 3.46
C GLY A 30 4.75 6.57 4.60
N CYS A 31 5.52 6.28 5.64
CA CYS A 31 4.99 5.52 6.77
C CYS A 31 4.89 6.40 8.02
N ALA A 32 4.02 5.98 8.95
CA ALA A 32 3.82 6.70 10.21
C ALA A 32 4.31 5.82 11.36
N ALA A 33 4.65 6.42 12.49
CA ALA A 33 5.14 5.66 13.64
C ALA A 33 4.17 5.73 14.83
N ASP A 34 3.15 6.58 14.72
CA ASP A 34 2.18 6.75 15.82
C ASP A 34 0.78 6.31 15.41
N GLN A 35 0.67 5.52 14.34
CA GLN A 35 -0.64 5.05 13.89
C GLN A 35 -1.65 6.19 13.86
N SER A 36 -1.89 6.75 12.67
CA SER A 36 -2.85 7.85 12.50
C SER A 36 -3.93 7.46 11.49
N PRO A 37 -5.13 8.03 11.56
CA PRO A 37 -6.23 7.70 10.61
C PRO A 37 -5.76 7.74 9.14
N GLU A 38 -4.81 8.62 8.86
CA GLU A 38 -4.30 8.76 7.49
C GLU A 38 -3.81 7.42 6.95
N SER A 39 -3.52 6.49 7.87
CA SER A 39 -3.05 5.18 7.48
C SER A 39 -4.21 4.22 7.25
N LEU A 40 -5.39 4.62 7.71
CA LEU A 40 -6.57 3.80 7.55
C LEU A 40 -6.99 3.79 6.08
N LEU A 41 -7.04 2.62 5.48
CA LEU A 41 -7.41 2.50 4.07
C LEU A 41 -8.62 1.59 3.92
N GLN A 42 -9.66 2.09 3.25
CA GLN A 42 -10.85 1.27 3.03
C GLN A 42 -10.56 0.27 1.92
N LEU A 43 -10.49 -1.00 2.29
CA LEU A 43 -10.21 -2.04 1.31
C LEU A 43 -11.49 -2.50 0.64
N LYS A 44 -11.57 -2.28 -0.66
CA LYS A 44 -12.74 -2.68 -1.44
C LYS A 44 -12.37 -3.80 -2.40
N ALA A 45 -13.20 -4.82 -2.46
CA ALA A 45 -12.94 -5.96 -3.32
C ALA A 45 -13.65 -5.80 -4.67
N LEU A 46 -12.89 -5.43 -5.70
CA LEU A 46 -13.46 -5.26 -7.03
C LEU A 46 -13.82 -6.62 -7.61
N LYS A 47 -12.79 -7.47 -7.73
CA LYS A 47 -12.94 -8.82 -8.27
C LYS A 47 -12.14 -9.79 -7.40
N PRO A 48 -12.56 -11.04 -7.29
CA PRO A 48 -11.82 -12.03 -6.47
C PRO A 48 -10.31 -11.96 -6.72
N GLY A 49 -9.56 -11.47 -5.73
CA GLY A 49 -8.10 -11.37 -5.85
C GLY A 49 -7.65 -9.93 -6.14
N VAL A 50 -8.58 -9.10 -6.62
CA VAL A 50 -8.26 -7.70 -6.93
C VAL A 50 -9.00 -6.78 -5.97
N ILE A 51 -8.26 -5.85 -5.35
CA ILE A 51 -8.86 -4.92 -4.39
C ILE A 51 -8.42 -3.49 -4.66
N GLN A 52 -9.14 -2.55 -4.03
CA GLN A 52 -8.84 -1.12 -4.15
C GLN A 52 -8.76 -0.52 -2.75
N ILE A 53 -7.85 0.44 -2.56
CA ILE A 53 -7.66 1.07 -1.24
C ILE A 53 -7.91 2.57 -1.32
N LEU A 54 -8.74 3.06 -0.39
CA LEU A 54 -9.09 4.48 -0.33
C LEU A 54 -8.93 5.00 1.10
N GLY A 55 -8.07 6.00 1.29
CA GLY A 55 -7.84 6.57 2.61
C GLY A 55 -8.99 7.44 3.05
N VAL A 56 -9.51 7.15 4.23
CA VAL A 56 -10.65 7.87 4.77
C VAL A 56 -10.33 9.33 5.10
N LYS A 57 -9.17 9.56 5.70
CA LYS A 57 -8.80 10.92 6.10
C LYS A 57 -8.59 11.85 4.90
N THR A 58 -7.82 11.41 3.91
CA THR A 58 -7.54 12.25 2.74
C THR A 58 -8.50 11.98 1.59
N SER A 59 -9.17 10.83 1.60
CA SER A 59 -10.10 10.50 0.52
C SER A 59 -9.35 10.32 -0.79
N ARG A 60 -8.10 9.87 -0.71
CA ARG A 60 -7.26 9.67 -1.90
C ARG A 60 -7.17 8.19 -2.26
N PHE A 61 -7.20 7.91 -3.55
CA PHE A 61 -7.08 6.53 -4.03
C PHE A 61 -5.62 6.25 -4.35
N LEU A 62 -5.01 5.30 -3.64
CA LEU A 62 -3.61 4.99 -3.88
C LEU A 62 -3.45 4.23 -5.19
N CYS A 63 -2.75 4.86 -6.14
CA CYS A 63 -2.50 4.25 -7.45
C CYS A 63 -1.02 4.35 -7.79
N GLN A 64 -0.49 3.33 -8.46
CA GLN A 64 0.93 3.29 -8.84
C GLN A 64 1.11 3.56 -10.33
N ARG A 65 1.99 4.52 -10.63
CA ARG A 65 2.28 4.88 -12.02
C ARG A 65 3.14 3.81 -12.66
N PRO A 66 3.21 3.77 -13.97
CA PRO A 66 4.03 2.79 -14.71
C PRO A 66 5.50 2.90 -14.29
N ASP A 67 5.86 4.06 -13.76
CA ASP A 67 7.23 4.29 -13.28
C ASP A 67 7.49 3.46 -12.03
N GLY A 68 6.42 2.91 -11.47
CA GLY A 68 6.51 2.09 -10.27
C GLY A 68 6.44 2.95 -9.01
N ALA A 69 6.07 4.22 -9.17
CA ALA A 69 5.97 5.14 -8.02
C ALA A 69 4.55 5.13 -7.43
N LEU A 70 4.47 5.27 -6.12
CA LEU A 70 3.18 5.29 -5.41
C LEU A 70 2.71 6.74 -5.19
N TYR A 71 1.42 6.99 -5.43
CA TYR A 71 0.88 8.34 -5.24
C TYR A 71 -0.64 8.31 -5.10
N GLY A 72 -1.17 9.20 -4.27
CA GLY A 72 -2.61 9.29 -4.09
C GLY A 72 -3.24 9.99 -5.29
N SER A 73 -4.46 9.57 -5.66
CA SER A 73 -5.15 10.15 -6.82
C SER A 73 -6.57 10.56 -6.46
N LEU A 74 -7.09 11.55 -7.19
CA LEU A 74 -8.46 12.03 -6.96
C LEU A 74 -9.45 11.31 -7.87
N HIS A 75 -8.94 10.42 -8.72
CA HIS A 75 -9.80 9.68 -9.65
C HIS A 75 -9.42 8.20 -9.67
N PHE A 76 -10.44 7.34 -9.70
CA PHE A 76 -10.21 5.90 -9.71
C PHE A 76 -9.73 5.42 -11.08
N ASP A 77 -8.66 4.62 -11.06
CA ASP A 77 -8.08 4.07 -12.28
C ASP A 77 -7.72 2.59 -12.03
N PRO A 78 -8.45 1.64 -12.55
CA PRO A 78 -8.14 0.19 -12.28
C PRO A 78 -6.81 -0.24 -12.90
N GLU A 79 -6.36 0.49 -13.91
CA GLU A 79 -5.10 0.16 -14.57
C GLU A 79 -3.91 0.41 -13.64
N ALA A 80 -4.14 1.17 -12.56
CA ALA A 80 -3.06 1.46 -11.61
C ALA A 80 -3.53 1.39 -10.16
N CYS A 81 -4.82 1.64 -9.95
CA CYS A 81 -5.37 1.61 -8.59
C CYS A 81 -5.73 0.19 -8.16
N SER A 82 -5.77 -0.74 -9.12
CA SER A 82 -6.09 -2.12 -8.79
C SER A 82 -4.81 -2.83 -8.34
N PHE A 83 -4.95 -3.74 -7.38
CA PHE A 83 -3.80 -4.47 -6.87
C PHE A 83 -4.18 -5.92 -6.60
N ARG A 84 -3.22 -6.83 -6.78
CA ARG A 84 -3.46 -8.25 -6.53
C ARG A 84 -3.04 -8.56 -5.10
N GLU A 85 -3.90 -9.27 -4.36
CA GLU A 85 -3.61 -9.59 -2.97
C GLU A 85 -2.87 -10.94 -2.86
N LEU A 86 -1.57 -10.86 -2.61
CA LEU A 86 -0.74 -12.05 -2.47
C LEU A 86 -0.72 -12.51 -1.03
N LEU A 87 -0.88 -13.82 -0.79
CA LEU A 87 -0.89 -14.36 0.57
C LEU A 87 0.20 -15.42 0.74
N LEU A 88 0.81 -15.43 1.93
CA LEU A 88 1.87 -16.39 2.25
C LEU A 88 1.38 -17.40 3.28
N GLU A 89 1.90 -18.62 3.19
CA GLU A 89 1.51 -19.65 4.14
C GLU A 89 1.87 -19.20 5.54
N ASP A 90 2.80 -18.25 5.60
CA ASP A 90 3.26 -17.70 6.87
C ASP A 90 2.24 -16.72 7.43
N GLY A 91 1.21 -16.40 6.64
CA GLY A 91 0.17 -15.48 7.09
C GLY A 91 0.53 -14.02 6.81
N TYR A 92 1.43 -13.80 5.83
CA TYR A 92 1.82 -12.44 5.47
C TYR A 92 1.16 -12.07 4.15
N ASN A 93 0.93 -10.78 3.92
CA ASN A 93 0.27 -10.32 2.70
C ASN A 93 1.06 -9.22 2.01
N VAL A 94 1.15 -9.31 0.68
CA VAL A 94 1.85 -8.33 -0.13
C VAL A 94 0.95 -7.92 -1.30
N TYR A 95 1.18 -6.74 -1.85
CA TYR A 95 0.36 -6.23 -2.97
C TYR A 95 1.20 -6.00 -4.22
N GLN A 96 0.57 -6.22 -5.38
CA GLN A 96 1.23 -6.04 -6.67
C GLN A 96 0.22 -5.56 -7.69
N SER A 97 0.58 -4.56 -8.49
CA SER A 97 -0.34 -4.04 -9.50
C SER A 97 -0.68 -5.14 -10.51
N GLU A 98 -1.96 -5.45 -10.62
CA GLU A 98 -2.41 -6.49 -11.55
C GLU A 98 -2.27 -6.02 -13.00
N ALA A 99 -2.43 -4.71 -13.21
CA ALA A 99 -2.36 -4.14 -14.56
C ALA A 99 -1.02 -4.35 -15.25
N HIS A 100 0.07 -3.97 -14.59
CA HIS A 100 1.42 -4.10 -15.17
C HIS A 100 2.29 -5.09 -14.41
N GLY A 101 1.83 -5.54 -13.24
CA GLY A 101 2.61 -6.50 -12.45
C GLY A 101 3.68 -5.78 -11.64
N LEU A 102 3.51 -4.47 -11.43
CA LEU A 102 4.48 -3.71 -10.67
C LEU A 102 4.33 -4.01 -9.17
N PRO A 103 5.41 -4.17 -8.44
CA PRO A 103 5.33 -4.45 -6.97
C PRO A 103 4.97 -3.20 -6.17
N LEU A 104 4.37 -3.40 -5.00
CA LEU A 104 3.98 -2.26 -4.15
C LEU A 104 4.89 -2.21 -2.93
N HIS A 105 5.59 -1.09 -2.77
CA HIS A 105 6.50 -0.91 -1.64
C HIS A 105 6.65 0.58 -1.32
N LEU A 106 7.18 0.89 -0.14
CA LEU A 106 7.37 2.27 0.25
C LEU A 106 8.48 2.92 -0.58
N PRO A 107 8.41 4.20 -0.85
CA PRO A 107 9.44 4.91 -1.66
C PRO A 107 10.75 5.09 -0.89
N GLY A 108 11.87 5.03 -1.60
CA GLY A 108 13.18 5.18 -0.97
C GLY A 108 13.74 6.58 -1.21
N ASN A 109 12.86 7.55 -1.40
CA ASN A 109 13.30 8.92 -1.65
C ASN A 109 14.06 9.46 -0.44
N LYS A 110 13.48 9.31 0.75
CA LYS A 110 14.11 9.78 1.97
C LYS A 110 15.16 8.78 2.47
N SER A 111 14.84 7.49 2.36
CA SER A 111 15.77 6.45 2.82
C SER A 111 16.79 6.12 1.72
N PRO A 112 17.82 5.36 2.01
CA PRO A 112 18.84 5.00 0.98
C PRO A 112 18.22 4.20 -0.16
N HIS A 113 18.69 4.44 -1.38
CA HIS A 113 18.16 3.73 -2.53
C HIS A 113 18.57 2.25 -2.47
N ARG A 114 17.58 1.37 -2.53
CA ARG A 114 17.82 -0.07 -2.48
C ARG A 114 17.19 -0.74 -3.70
N ASP A 115 18.03 -1.42 -4.49
CA ASP A 115 17.55 -2.10 -5.71
C ASP A 115 18.01 -3.57 -5.72
N PRO A 116 17.24 -4.47 -5.16
CA PRO A 116 17.62 -5.92 -5.13
C PRO A 116 17.33 -6.60 -6.46
N ALA A 117 18.12 -7.61 -6.79
CA ALA A 117 17.93 -8.35 -8.04
C ALA A 117 16.67 -9.22 -7.94
N PRO A 118 16.65 -10.18 -7.04
CA PRO A 118 15.46 -11.07 -6.87
C PRO A 118 14.26 -10.29 -6.33
N ARG A 119 13.06 -10.73 -6.68
CA ARG A 119 11.85 -10.05 -6.23
C ARG A 119 11.81 -10.02 -4.70
N GLY A 120 12.00 -8.83 -4.12
CA GLY A 120 11.99 -8.68 -2.67
C GLY A 120 11.16 -7.47 -2.23
N PRO A 121 9.86 -7.60 -2.23
CA PRO A 121 8.93 -6.50 -1.83
C PRO A 121 8.77 -6.43 -0.32
N ALA A 122 8.33 -5.28 0.19
CA ALA A 122 8.13 -5.13 1.62
C ALA A 122 6.92 -5.94 2.06
N ARG A 123 7.07 -6.70 3.14
CA ARG A 123 5.98 -7.51 3.64
C ARG A 123 5.00 -6.63 4.40
N PHE A 124 3.71 -6.77 4.07
CA PHE A 124 2.67 -5.96 4.72
C PHE A 124 1.76 -6.85 5.55
N LEU A 125 1.32 -6.32 6.70
CA LEU A 125 0.43 -7.05 7.60
C LEU A 125 -0.85 -6.23 7.80
N PRO A 126 -2.01 -6.73 7.42
CA PRO A 126 -3.29 -5.97 7.58
C PRO A 126 -3.84 -6.02 9.01
N LEU A 127 -3.91 -4.85 9.66
CA LEU A 127 -4.42 -4.76 11.03
C LEU A 127 -5.91 -4.34 10.99
N PRO A 128 -6.84 -5.21 11.33
CA PRO A 128 -8.29 -4.83 11.29
C PRO A 128 -8.57 -3.52 12.03
N GLY A 129 -9.40 -2.67 11.42
CA GLY A 129 -9.76 -1.38 12.02
C GLY A 129 -11.04 -1.51 12.84
N GLY A 1 -20.63 -6.57 -2.93
CA GLY A 1 -20.10 -5.30 -2.37
C GLY A 1 -19.38 -5.59 -1.05
N GLN A 2 -18.17 -6.15 -1.15
CA GLN A 2 -17.38 -6.48 0.04
C GLN A 2 -16.37 -5.38 0.32
N VAL A 3 -16.60 -4.62 1.40
CA VAL A 3 -15.70 -3.53 1.76
C VAL A 3 -15.46 -3.51 3.28
N ARG A 4 -14.20 -3.35 3.64
CA ARG A 4 -13.81 -3.31 5.05
C ARG A 4 -12.65 -2.33 5.26
N GLN A 5 -12.50 -1.83 6.48
CA GLN A 5 -11.43 -0.88 6.80
C GLN A 5 -10.31 -1.59 7.56
N ARG A 6 -9.06 -1.37 7.14
CA ARG A 6 -7.91 -2.03 7.79
C ARG A 6 -6.66 -1.15 7.71
N TYR A 7 -5.68 -1.42 8.59
CA TYR A 7 -4.42 -0.67 8.60
C TYR A 7 -3.33 -1.48 7.89
N LEU A 8 -2.49 -0.82 7.09
CA LEU A 8 -1.40 -1.51 6.38
C LEU A 8 -0.08 -1.36 7.14
N TYR A 9 0.50 -2.49 7.51
CA TYR A 9 1.77 -2.52 8.24
C TYR A 9 2.69 -3.60 7.64
N THR A 10 3.95 -3.24 7.40
CA THR A 10 4.92 -4.20 6.85
C THR A 10 6.19 -4.22 7.69
N SER A 11 6.94 -5.31 7.59
CA SER A 11 8.20 -5.46 8.33
C SER A 11 9.39 -5.39 7.38
N GLY A 12 10.25 -4.40 7.59
CA GLY A 12 11.43 -4.22 6.74
C GLY A 12 12.70 -4.44 7.55
N PRO A 13 13.82 -4.01 7.04
CA PRO A 13 15.14 -4.17 7.75
C PRO A 13 15.12 -3.45 9.10
N HIS A 14 15.75 -4.07 10.09
CA HIS A 14 15.80 -3.48 11.42
C HIS A 14 16.82 -2.34 11.45
N GLY A 15 16.44 -1.23 12.07
CA GLY A 15 17.34 -0.09 12.14
C GLY A 15 16.73 1.05 12.96
N LEU A 16 15.41 1.18 12.92
CA LEU A 16 14.73 2.24 13.66
C LEU A 16 13.37 1.73 14.16
N SER A 17 12.37 2.60 14.15
CA SER A 17 11.03 2.26 14.61
C SER A 17 10.23 1.57 13.52
N SER A 18 9.05 1.08 13.88
CA SER A 18 8.18 0.40 12.92
C SER A 18 7.72 1.35 11.82
N CYS A 19 7.20 0.79 10.73
CA CYS A 19 6.73 1.59 9.60
C CYS A 19 5.30 1.20 9.21
N HIS A 20 4.38 2.16 9.32
CA HIS A 20 2.97 1.95 8.96
C HIS A 20 2.62 2.82 7.75
N LEU A 21 2.17 2.19 6.68
CA LEU A 21 1.82 2.94 5.47
C LEU A 21 0.81 4.03 5.81
N GLU A 22 1.13 5.27 5.43
CA GLU A 22 0.25 6.41 5.67
C GLU A 22 0.18 7.30 4.44
N ILE A 23 -1.03 7.75 4.11
CA ILE A 23 -1.22 8.62 2.95
C ILE A 23 -1.48 10.05 3.42
N ARG A 24 -0.67 10.98 2.91
CA ARG A 24 -0.80 12.38 3.28
C ARG A 24 -1.98 13.03 2.56
N GLU A 25 -2.44 14.13 3.14
CA GLU A 25 -3.53 14.88 2.56
C GLU A 25 -3.05 15.55 1.28
N ASP A 26 -1.76 15.85 1.26
CA ASP A 26 -1.15 16.47 0.10
C ASP A 26 -1.09 15.47 -1.05
N GLY A 27 -1.34 14.20 -0.72
CA GLY A 27 -1.32 13.13 -1.71
C GLY A 27 0.02 12.41 -1.71
N THR A 28 0.90 12.73 -0.76
CA THR A 28 2.20 12.07 -0.70
C THR A 28 2.08 10.76 0.10
N VAL A 29 3.07 9.88 -0.05
CA VAL A 29 3.05 8.59 0.65
C VAL A 29 4.32 8.33 1.44
N GLY A 30 4.16 7.65 2.56
CA GLY A 30 5.29 7.33 3.44
C GLY A 30 4.82 6.40 4.55
N CYS A 31 5.71 6.08 5.48
CA CYS A 31 5.36 5.18 6.59
C CYS A 31 5.20 5.95 7.91
N ALA A 32 4.52 5.32 8.88
CA ALA A 32 4.32 5.93 10.19
C ALA A 32 4.66 4.91 11.29
N ALA A 33 5.22 5.37 12.39
CA ALA A 33 5.60 4.48 13.50
C ALA A 33 4.61 4.59 14.66
N ASP A 34 3.66 5.53 14.54
CA ASP A 34 2.67 5.76 15.60
C ASP A 34 1.24 5.48 15.13
N GLN A 35 1.10 4.76 14.02
CA GLN A 35 -0.24 4.45 13.50
C GLN A 35 -1.11 5.70 13.49
N SER A 36 -1.19 6.36 12.33
CA SER A 36 -1.99 7.58 12.21
C SER A 36 -3.32 7.28 11.50
N PRO A 37 -4.35 8.09 11.69
CA PRO A 37 -5.65 7.86 11.01
C PRO A 37 -5.50 7.64 9.50
N GLU A 38 -4.53 8.32 8.91
CA GLU A 38 -4.29 8.20 7.47
C GLU A 38 -3.75 6.82 7.12
N SER A 39 -3.36 6.04 8.13
CA SER A 39 -2.84 4.70 7.88
C SER A 39 -3.98 3.72 7.73
N LEU A 40 -5.20 4.20 7.90
CA LEU A 40 -6.37 3.35 7.79
C LEU A 40 -6.88 3.41 6.35
N LEU A 41 -6.74 2.29 5.64
CA LEU A 41 -7.16 2.22 4.24
C LEU A 41 -8.43 1.41 4.09
N GLN A 42 -9.39 1.97 3.37
CA GLN A 42 -10.65 1.31 3.12
C GLN A 42 -10.45 0.23 2.06
N LEU A 43 -10.57 -1.02 2.45
CA LEU A 43 -10.38 -2.13 1.52
C LEU A 43 -11.67 -2.42 0.78
N LYS A 44 -11.61 -2.36 -0.55
CA LYS A 44 -12.79 -2.62 -1.38
C LYS A 44 -12.48 -3.71 -2.40
N ALA A 45 -13.36 -4.70 -2.49
CA ALA A 45 -13.19 -5.79 -3.44
C ALA A 45 -13.92 -5.51 -4.75
N LEU A 46 -13.16 -5.15 -5.79
CA LEU A 46 -13.76 -4.85 -7.09
C LEU A 46 -14.23 -6.15 -7.74
N LYS A 47 -13.25 -6.93 -8.20
CA LYS A 47 -13.51 -8.22 -8.84
C LYS A 47 -12.75 -9.31 -8.11
N PRO A 48 -13.22 -10.54 -8.10
CA PRO A 48 -12.50 -11.64 -7.41
C PRO A 48 -11.00 -11.62 -7.74
N GLY A 49 -10.18 -11.47 -6.69
CA GLY A 49 -8.72 -11.44 -6.88
C GLY A 49 -8.19 -10.02 -7.03
N VAL A 50 -9.09 -9.06 -7.32
CA VAL A 50 -8.68 -7.66 -7.48
C VAL A 50 -9.38 -6.78 -6.46
N ILE A 51 -8.60 -5.96 -5.74
CA ILE A 51 -9.17 -5.08 -4.72
C ILE A 51 -8.63 -3.66 -4.88
N GLN A 52 -9.30 -2.70 -4.24
CA GLN A 52 -8.91 -1.29 -4.27
C GLN A 52 -8.81 -0.76 -2.85
N ILE A 53 -7.85 0.16 -2.62
CA ILE A 53 -7.65 0.74 -1.29
C ILE A 53 -7.86 2.26 -1.35
N LEU A 54 -8.76 2.73 -0.49
CA LEU A 54 -9.12 4.15 -0.41
C LEU A 54 -8.97 4.64 1.03
N GLY A 55 -8.13 5.67 1.22
CA GLY A 55 -7.88 6.24 2.55
C GLY A 55 -9.12 6.96 3.08
N VAL A 56 -9.60 6.53 4.24
CA VAL A 56 -10.79 7.14 4.83
C VAL A 56 -10.53 8.59 5.23
N LYS A 57 -9.39 8.84 5.86
CA LYS A 57 -9.06 10.19 6.31
C LYS A 57 -8.86 11.14 5.13
N THR A 58 -8.08 10.72 4.15
CA THR A 58 -7.77 11.56 2.99
C THR A 58 -8.76 11.38 1.85
N SER A 59 -9.50 10.28 1.85
CA SER A 59 -10.45 10.03 0.77
C SER A 59 -9.73 9.96 -0.57
N ARG A 60 -8.46 9.52 -0.53
CA ARG A 60 -7.64 9.40 -1.73
C ARG A 60 -7.47 7.94 -2.13
N PHE A 61 -7.49 7.68 -3.43
CA PHE A 61 -7.30 6.32 -3.94
C PHE A 61 -5.82 6.07 -4.21
N LEU A 62 -5.21 5.20 -3.41
CA LEU A 62 -3.80 4.90 -3.59
C LEU A 62 -3.59 4.20 -4.93
N CYS A 63 -3.00 4.92 -5.87
CA CYS A 63 -2.71 4.37 -7.19
C CYS A 63 -1.21 4.44 -7.48
N GLN A 64 -0.70 3.44 -8.21
CA GLN A 64 0.72 3.40 -8.54
C GLN A 64 0.95 3.77 -10.00
N ARG A 65 1.90 4.68 -10.23
CA ARG A 65 2.21 5.12 -11.59
C ARG A 65 3.11 4.08 -12.28
N PRO A 66 3.26 4.14 -13.58
CA PRO A 66 4.13 3.18 -14.33
C PRO A 66 5.53 3.12 -13.74
N ASP A 67 6.00 4.25 -13.22
CA ASP A 67 7.32 4.35 -12.63
C ASP A 67 7.41 3.50 -11.36
N GLY A 68 6.27 2.97 -10.93
CA GLY A 68 6.25 2.14 -9.73
C GLY A 68 6.15 3.00 -8.47
N ALA A 69 5.86 4.29 -8.64
CA ALA A 69 5.74 5.19 -7.49
C ALA A 69 4.32 5.19 -6.95
N LEU A 70 4.19 5.34 -5.64
CA LEU A 70 2.88 5.33 -4.97
C LEU A 70 2.39 6.75 -4.67
N TYR A 71 1.11 7.00 -4.96
CA TYR A 71 0.53 8.31 -4.70
C TYR A 71 -0.99 8.21 -4.55
N GLY A 72 -1.57 9.15 -3.82
CA GLY A 72 -3.02 9.17 -3.62
C GLY A 72 -3.68 10.06 -4.66
N SER A 73 -4.82 9.61 -5.20
CA SER A 73 -5.54 10.37 -6.22
C SER A 73 -7.03 10.47 -5.91
N LEU A 74 -7.62 11.62 -6.22
CA LEU A 74 -9.03 11.86 -5.97
C LEU A 74 -9.88 10.95 -6.86
N HIS A 75 -9.42 10.74 -8.09
CA HIS A 75 -10.17 9.92 -9.06
C HIS A 75 -9.70 8.47 -9.02
N PHE A 76 -10.63 7.55 -9.23
CA PHE A 76 -10.34 6.12 -9.21
C PHE A 76 -10.01 5.63 -10.63
N ASP A 77 -8.87 4.96 -10.76
CA ASP A 77 -8.43 4.41 -12.05
C ASP A 77 -8.12 2.92 -11.87
N PRO A 78 -8.88 2.00 -12.45
CA PRO A 78 -8.60 0.54 -12.26
C PRO A 78 -7.29 0.12 -12.92
N GLU A 79 -6.88 0.87 -13.93
CA GLU A 79 -5.65 0.56 -14.66
C GLU A 79 -4.41 0.78 -13.80
N ALA A 80 -4.55 1.58 -12.74
CA ALA A 80 -3.39 1.86 -11.86
C ALA A 80 -3.72 1.65 -10.38
N CYS A 81 -4.98 1.83 -10.00
CA CYS A 81 -5.37 1.67 -8.59
C CYS A 81 -5.87 0.25 -8.28
N SER A 82 -5.93 -0.62 -9.28
CA SER A 82 -6.35 -2.00 -9.04
C SER A 82 -5.16 -2.78 -8.51
N PHE A 83 -5.39 -3.62 -7.51
CA PHE A 83 -4.30 -4.42 -6.93
C PHE A 83 -4.75 -5.85 -6.67
N ARG A 84 -3.84 -6.78 -6.89
CA ARG A 84 -4.11 -8.20 -6.69
C ARG A 84 -3.60 -8.62 -5.31
N GLU A 85 -4.41 -9.38 -4.59
CA GLU A 85 -4.01 -9.82 -3.25
C GLU A 85 -3.26 -11.15 -3.31
N LEU A 86 -2.07 -11.17 -2.72
CA LEU A 86 -1.22 -12.37 -2.70
C LEU A 86 -1.13 -12.92 -1.28
N LEU A 87 -1.83 -14.01 -1.02
CA LEU A 87 -1.82 -14.62 0.32
C LEU A 87 -0.77 -15.72 0.43
N LEU A 88 -0.08 -15.71 1.56
CA LEU A 88 0.95 -16.69 1.86
C LEU A 88 0.45 -17.60 2.98
N GLU A 89 0.86 -18.86 2.96
CA GLU A 89 0.42 -19.80 3.99
C GLU A 89 0.78 -19.24 5.35
N ASP A 90 1.81 -18.42 5.38
CA ASP A 90 2.26 -17.80 6.62
C ASP A 90 1.21 -16.81 7.14
N GLY A 91 0.20 -16.53 6.31
CA GLY A 91 -0.86 -15.61 6.72
C GLY A 91 -0.51 -14.18 6.38
N TYR A 92 0.57 -13.99 5.60
CA TYR A 92 0.99 -12.67 5.19
C TYR A 92 0.32 -12.31 3.87
N ASN A 93 0.22 -11.01 3.59
CA ASN A 93 -0.42 -10.55 2.35
C ASN A 93 0.38 -9.46 1.68
N VAL A 94 0.52 -9.58 0.36
CA VAL A 94 1.25 -8.58 -0.43
C VAL A 94 0.36 -8.08 -1.56
N TYR A 95 0.64 -6.88 -2.06
CA TYR A 95 -0.16 -6.29 -3.14
C TYR A 95 0.66 -6.11 -4.40
N GLN A 96 0.01 -6.29 -5.54
CA GLN A 96 0.65 -6.13 -6.84
C GLN A 96 -0.38 -5.61 -7.84
N SER A 97 0.03 -4.64 -8.67
CA SER A 97 -0.88 -4.09 -9.67
C SER A 97 -1.24 -5.16 -10.70
N GLU A 98 -2.53 -5.29 -10.97
CA GLU A 98 -3.00 -6.29 -11.92
C GLU A 98 -2.94 -5.77 -13.36
N ALA A 99 -2.93 -4.45 -13.50
CA ALA A 99 -2.92 -3.83 -14.83
C ALA A 99 -1.59 -4.02 -15.55
N HIS A 100 -0.49 -3.60 -14.94
CA HIS A 100 0.83 -3.73 -15.56
C HIS A 100 1.70 -4.77 -14.88
N GLY A 101 1.27 -5.26 -13.71
CA GLY A 101 2.04 -6.26 -12.99
C GLY A 101 3.12 -5.63 -12.13
N LEU A 102 3.02 -4.31 -11.92
CA LEU A 102 4.02 -3.61 -11.11
C LEU A 102 3.85 -3.96 -9.63
N PRO A 103 4.92 -4.19 -8.90
CA PRO A 103 4.84 -4.53 -7.44
C PRO A 103 4.54 -3.29 -6.61
N LEU A 104 3.96 -3.48 -5.42
CA LEU A 104 3.63 -2.36 -4.55
C LEU A 104 4.65 -2.25 -3.43
N HIS A 105 5.28 -1.09 -3.33
CA HIS A 105 6.30 -0.84 -2.31
C HIS A 105 6.38 0.65 -1.99
N LEU A 106 6.82 0.98 -0.79
CA LEU A 106 6.93 2.38 -0.40
C LEU A 106 7.84 3.13 -1.36
N PRO A 107 7.65 4.42 -1.55
CA PRO A 107 8.53 5.22 -2.47
C PRO A 107 10.01 5.01 -2.15
N GLY A 108 10.83 5.02 -3.20
CA GLY A 108 12.27 4.83 -3.02
C GLY A 108 13.04 5.40 -4.20
N ASN A 109 14.26 4.88 -4.41
CA ASN A 109 15.12 5.33 -5.50
C ASN A 109 15.59 6.76 -5.29
N LYS A 110 14.71 7.60 -4.74
CA LYS A 110 15.06 8.98 -4.47
C LYS A 110 16.21 9.05 -3.49
N SER A 111 16.16 8.19 -2.48
CA SER A 111 17.21 8.14 -1.47
C SER A 111 18.48 7.53 -2.05
N PRO A 112 19.62 7.79 -1.46
CA PRO A 112 20.92 7.25 -1.95
C PRO A 112 20.92 5.72 -1.90
N HIS A 113 21.69 5.10 -2.79
CA HIS A 113 21.75 3.64 -2.83
C HIS A 113 22.18 3.07 -1.49
N ARG A 114 21.25 2.36 -0.84
CA ARG A 114 21.52 1.75 0.45
C ARG A 114 20.57 0.57 0.66
N ASP A 115 19.32 0.88 1.00
CA ASP A 115 18.31 -0.16 1.22
C ASP A 115 16.96 0.30 0.66
N PRO A 116 16.72 0.12 -0.62
CA PRO A 116 15.45 0.55 -1.27
C PRO A 116 14.29 -0.41 -0.99
N ALA A 117 14.63 -1.67 -0.71
CA ALA A 117 13.59 -2.67 -0.42
C ALA A 117 14.22 -3.97 0.06
N PRO A 118 13.56 -4.69 0.95
CA PRO A 118 14.10 -5.99 1.48
C PRO A 118 13.99 -7.11 0.43
N ARG A 119 14.93 -7.13 -0.49
CA ARG A 119 14.95 -8.16 -1.53
C ARG A 119 13.54 -8.46 -2.04
N GLY A 120 13.04 -7.63 -2.95
CA GLY A 120 11.71 -7.83 -3.52
C GLY A 120 10.67 -6.96 -2.84
N PRO A 121 9.41 -7.22 -3.11
CA PRO A 121 8.27 -6.43 -2.52
C PRO A 121 8.21 -6.59 -1.00
N ALA A 122 7.71 -5.55 -0.33
CA ALA A 122 7.59 -5.57 1.12
C ALA A 122 6.29 -6.27 1.53
N ARG A 123 6.39 -7.19 2.47
CA ARG A 123 5.22 -7.91 2.95
C ARG A 123 4.38 -7.03 3.85
N PHE A 124 3.09 -6.95 3.57
CA PHE A 124 2.17 -6.12 4.36
C PHE A 124 1.19 -7.00 5.15
N LEU A 125 0.81 -6.50 6.34
CA LEU A 125 -0.12 -7.20 7.20
C LEU A 125 -1.35 -6.30 7.45
N PRO A 126 -2.51 -6.64 6.93
CA PRO A 126 -3.72 -5.79 7.13
C PRO A 126 -4.34 -6.02 8.51
N LEU A 127 -4.31 -4.99 9.35
CA LEU A 127 -4.89 -5.09 10.70
C LEU A 127 -6.35 -4.60 10.67
N PRO A 128 -7.24 -5.17 11.46
CA PRO A 128 -8.66 -4.70 11.47
C PRO A 128 -8.75 -3.19 11.67
N GLY A 129 -9.53 -2.52 10.85
CA GLY A 129 -9.67 -1.07 10.95
C GLY A 129 -10.47 -0.70 12.20
N GLY A 1 -19.61 -8.73 3.13
CA GLY A 1 -18.67 -7.64 3.54
C GLY A 1 -18.35 -6.76 2.35
N GLN A 2 -17.87 -7.39 1.26
CA GLN A 2 -17.53 -6.66 0.04
C GLN A 2 -16.45 -5.62 0.32
N VAL A 3 -16.81 -4.56 1.06
CA VAL A 3 -15.87 -3.49 1.40
C VAL A 3 -15.67 -3.45 2.91
N ARG A 4 -14.41 -3.33 3.31
CA ARG A 4 -14.06 -3.29 4.72
C ARG A 4 -13.01 -2.21 4.98
N GLN A 5 -13.01 -1.66 6.20
CA GLN A 5 -12.05 -0.62 6.58
C GLN A 5 -11.00 -1.20 7.51
N ARG A 6 -9.73 -1.14 7.09
CA ARG A 6 -8.63 -1.68 7.90
C ARG A 6 -7.36 -0.86 7.76
N TYR A 7 -6.47 -0.99 8.75
CA TYR A 7 -5.19 -0.28 8.73
C TYR A 7 -4.15 -1.18 8.08
N LEU A 8 -3.25 -0.61 7.26
CA LEU A 8 -2.21 -1.42 6.60
C LEU A 8 -0.90 -1.31 7.38
N TYR A 9 -0.46 -2.43 7.96
CA TYR A 9 0.77 -2.45 8.78
C TYR A 9 1.77 -3.48 8.25
N THR A 10 3.07 -3.17 8.35
CA THR A 10 4.12 -4.09 7.90
C THR A 10 5.24 -4.15 8.93
N SER A 11 5.89 -5.31 9.02
CA SER A 11 6.99 -5.50 9.96
C SER A 11 8.32 -5.60 9.22
N GLY A 12 9.21 -4.64 9.49
CA GLY A 12 10.52 -4.63 8.86
C GLY A 12 11.55 -5.30 9.76
N PRO A 13 12.81 -5.03 9.55
CA PRO A 13 13.89 -5.63 10.39
C PRO A 13 13.72 -5.24 11.86
N HIS A 14 14.08 -6.15 12.76
CA HIS A 14 13.96 -5.88 14.18
C HIS A 14 14.71 -4.60 14.56
N GLY A 15 13.98 -3.61 15.04
CA GLY A 15 14.58 -2.33 15.42
C GLY A 15 13.72 -1.61 16.46
N LEU A 16 13.80 -0.27 16.45
CA LEU A 16 13.05 0.53 17.41
C LEU A 16 11.59 0.70 16.97
N SER A 17 11.25 1.90 16.52
CA SER A 17 9.89 2.22 16.11
C SER A 17 9.44 1.38 14.92
N SER A 18 8.12 1.23 14.77
CA SER A 18 7.54 0.45 13.68
C SER A 18 7.17 1.36 12.51
N CYS A 19 6.87 0.75 11.35
CA CYS A 19 6.51 1.50 10.15
C CYS A 19 5.06 1.18 9.75
N HIS A 20 4.20 2.20 9.78
CA HIS A 20 2.79 2.03 9.40
C HIS A 20 2.47 2.89 8.18
N LEU A 21 1.85 2.29 7.16
CA LEU A 21 1.54 3.03 5.94
C LEU A 21 0.61 4.20 6.24
N GLU A 22 1.02 5.39 5.80
CA GLU A 22 0.24 6.61 5.99
C GLU A 22 0.21 7.43 4.70
N ILE A 23 -0.98 7.90 4.31
CA ILE A 23 -1.11 8.72 3.10
C ILE A 23 -1.39 10.16 3.50
N ARG A 24 -0.59 11.07 2.96
CA ARG A 24 -0.75 12.49 3.26
C ARG A 24 -1.81 13.11 2.36
N GLU A 25 -2.31 14.26 2.80
CA GLU A 25 -3.31 15.00 2.04
C GLU A 25 -2.66 15.56 0.80
N ASP A 26 -1.35 15.73 0.88
CA ASP A 26 -0.58 16.26 -0.23
C ASP A 26 -0.47 15.17 -1.30
N GLY A 27 -0.91 13.98 -0.95
CA GLY A 27 -0.87 12.85 -1.88
C GLY A 27 0.44 12.07 -1.77
N THR A 28 1.26 12.41 -0.78
CA THR A 28 2.53 11.69 -0.62
C THR A 28 2.33 10.43 0.21
N VAL A 29 3.28 9.50 0.13
CA VAL A 29 3.17 8.22 0.85
C VAL A 29 4.44 7.92 1.63
N GLY A 30 4.27 7.41 2.84
CA GLY A 30 5.40 7.07 3.70
C GLY A 30 4.91 6.22 4.87
N CYS A 31 5.84 5.79 5.73
CA CYS A 31 5.47 4.96 6.88
C CYS A 31 5.32 5.81 8.14
N ALA A 32 4.55 5.31 9.11
CA ALA A 32 4.31 6.02 10.37
C ALA A 32 4.45 5.07 11.55
N ALA A 33 4.98 5.59 12.66
CA ALA A 33 5.14 4.81 13.88
C ALA A 33 4.08 5.21 14.90
N ASP A 34 3.29 6.22 14.55
CA ASP A 34 2.24 6.72 15.45
C ASP A 34 0.87 6.15 15.13
N GLN A 35 0.77 5.39 14.06
CA GLN A 35 -0.50 4.82 13.67
C GLN A 35 -1.60 5.87 13.73
N SER A 36 -1.82 6.57 12.61
CA SER A 36 -2.83 7.64 12.55
C SER A 36 -3.94 7.28 11.54
N PRO A 37 -5.11 7.89 11.64
CA PRO A 37 -6.23 7.61 10.69
C PRO A 37 -5.80 7.69 9.22
N GLU A 38 -4.86 8.58 8.94
CA GLU A 38 -4.38 8.72 7.56
C GLU A 38 -3.96 7.36 7.00
N SER A 39 -3.71 6.41 7.91
CA SER A 39 -3.29 5.06 7.51
C SER A 39 -4.49 4.15 7.29
N LEU A 40 -5.68 4.63 7.61
CA LEU A 40 -6.88 3.85 7.45
C LEU A 40 -7.28 3.81 5.97
N LEU A 41 -7.33 2.61 5.41
CA LEU A 41 -7.67 2.45 3.99
C LEU A 41 -8.93 1.60 3.81
N GLN A 42 -9.88 2.11 3.03
CA GLN A 42 -11.09 1.37 2.76
C GLN A 42 -10.78 0.28 1.75
N LEU A 43 -10.83 -0.97 2.18
CA LEU A 43 -10.55 -2.08 1.29
C LEU A 43 -11.79 -2.42 0.49
N LYS A 44 -11.70 -2.26 -0.83
CA LYS A 44 -12.83 -2.56 -1.73
C LYS A 44 -12.47 -3.64 -2.73
N ALA A 45 -13.41 -4.56 -2.93
CA ALA A 45 -13.20 -5.66 -3.87
C ALA A 45 -13.81 -5.35 -5.24
N LEU A 46 -12.97 -4.98 -6.20
CA LEU A 46 -13.47 -4.67 -7.54
C LEU A 46 -13.88 -5.95 -8.24
N LYS A 47 -12.92 -6.87 -8.37
CA LYS A 47 -13.16 -8.16 -9.02
C LYS A 47 -12.50 -9.26 -8.20
N PRO A 48 -12.98 -10.48 -8.25
CA PRO A 48 -12.34 -11.59 -7.47
C PRO A 48 -10.83 -11.60 -7.66
N GLY A 49 -10.10 -11.42 -6.56
CA GLY A 49 -8.64 -11.42 -6.60
C GLY A 49 -8.07 -10.01 -6.76
N VAL A 50 -8.93 -9.07 -7.17
CA VAL A 50 -8.50 -7.68 -7.38
C VAL A 50 -9.24 -6.76 -6.41
N ILE A 51 -8.50 -5.89 -5.74
CA ILE A 51 -9.11 -4.97 -4.77
C ILE A 51 -8.54 -3.56 -4.92
N GLN A 52 -9.20 -2.60 -4.27
CA GLN A 52 -8.77 -1.20 -4.31
C GLN A 52 -8.78 -0.62 -2.90
N ILE A 53 -7.85 0.30 -2.62
CA ILE A 53 -7.75 0.91 -1.28
C ILE A 53 -7.95 2.42 -1.37
N LEU A 54 -8.90 2.93 -0.58
CA LEU A 54 -9.23 4.36 -0.56
C LEU A 54 -9.12 4.91 0.87
N GLY A 55 -8.21 5.86 1.07
CA GLY A 55 -8.01 6.45 2.39
C GLY A 55 -9.23 7.29 2.80
N VAL A 56 -9.79 6.96 3.97
CA VAL A 56 -10.97 7.67 4.45
C VAL A 56 -10.67 9.13 4.77
N LYS A 57 -9.58 9.37 5.48
CA LYS A 57 -9.19 10.71 5.89
C LYS A 57 -8.86 11.61 4.70
N THR A 58 -8.03 11.10 3.79
CA THR A 58 -7.60 11.88 2.63
C THR A 58 -8.57 11.72 1.45
N SER A 59 -9.33 10.63 1.43
CA SER A 59 -10.26 10.40 0.34
C SER A 59 -9.49 10.26 -0.97
N ARG A 60 -8.23 9.84 -0.85
CA ARG A 60 -7.36 9.65 -2.02
C ARG A 60 -7.21 8.17 -2.33
N PHE A 61 -7.11 7.86 -3.61
CA PHE A 61 -6.95 6.48 -4.04
C PHE A 61 -5.47 6.15 -4.20
N LEU A 62 -5.00 5.18 -3.42
CA LEU A 62 -3.59 4.81 -3.49
C LEU A 62 -3.34 4.04 -4.78
N CYS A 63 -2.53 4.65 -5.66
CA CYS A 63 -2.20 4.03 -6.95
C CYS A 63 -0.69 4.03 -7.19
N GLN A 64 -0.22 2.96 -7.84
CA GLN A 64 1.21 2.81 -8.14
C GLN A 64 1.48 3.09 -9.62
N ARG A 65 2.55 3.84 -9.89
CA ARG A 65 2.91 4.17 -11.27
C ARG A 65 3.81 3.07 -11.87
N PRO A 66 4.05 3.10 -13.16
CA PRO A 66 4.93 2.08 -13.83
C PRO A 66 6.31 2.02 -13.16
N ASP A 67 6.76 3.16 -12.65
CA ASP A 67 8.06 3.24 -11.99
C ASP A 67 8.04 2.50 -10.66
N GLY A 68 6.85 2.07 -10.24
CA GLY A 68 6.71 1.34 -8.98
C GLY A 68 6.59 2.29 -7.79
N ALA A 69 6.36 3.57 -8.08
CA ALA A 69 6.22 4.56 -7.01
C ALA A 69 4.76 4.65 -6.55
N LEU A 70 4.58 4.85 -5.24
CA LEU A 70 3.24 4.94 -4.65
C LEU A 70 2.84 6.40 -4.47
N TYR A 71 1.58 6.72 -4.82
CA TYR A 71 1.10 8.09 -4.66
C TYR A 71 -0.43 8.13 -4.56
N GLY A 72 -0.94 9.06 -3.77
CA GLY A 72 -2.39 9.21 -3.64
C GLY A 72 -2.94 9.92 -4.86
N SER A 73 -4.17 9.56 -5.27
CA SER A 73 -4.78 10.18 -6.44
C SER A 73 -6.26 10.42 -6.22
N LEU A 74 -6.72 11.60 -6.64
CA LEU A 74 -8.13 11.96 -6.49
C LEU A 74 -9.01 11.08 -7.38
N HIS A 75 -8.51 10.76 -8.58
CA HIS A 75 -9.26 9.95 -9.53
C HIS A 75 -8.90 8.47 -9.41
N PHE A 76 -9.80 7.62 -9.90
CA PHE A 76 -9.61 6.18 -9.85
C PHE A 76 -9.05 5.66 -11.17
N ASP A 77 -7.97 4.86 -11.08
CA ASP A 77 -7.32 4.30 -12.27
C ASP A 77 -7.09 2.79 -12.06
N PRO A 78 -7.93 1.93 -12.59
CA PRO A 78 -7.77 0.45 -12.41
C PRO A 78 -6.38 -0.04 -12.81
N GLU A 79 -5.87 0.50 -13.90
CA GLU A 79 -4.57 0.09 -14.42
C GLU A 79 -3.43 0.36 -13.44
N ALA A 80 -3.65 1.23 -12.46
CA ALA A 80 -2.60 1.57 -11.49
C ALA A 80 -3.10 1.46 -10.05
N CYS A 81 -4.41 1.56 -9.86
CA CYS A 81 -5.00 1.51 -8.52
C CYS A 81 -5.44 0.10 -8.15
N SER A 82 -5.50 -0.79 -9.14
CA SER A 82 -5.91 -2.17 -8.86
C SER A 82 -4.73 -2.95 -8.28
N PHE A 83 -5.02 -3.84 -7.34
CA PHE A 83 -3.97 -4.63 -6.71
C PHE A 83 -4.46 -6.06 -6.48
N ARG A 84 -3.52 -7.00 -6.54
CA ARG A 84 -3.85 -8.41 -6.28
C ARG A 84 -3.50 -8.74 -4.84
N GLU A 85 -4.38 -9.47 -4.17
CA GLU A 85 -4.12 -9.83 -2.76
C GLU A 85 -3.38 -11.16 -2.71
N LEU A 86 -2.11 -11.11 -2.33
CA LEU A 86 -1.28 -12.30 -2.23
C LEU A 86 -1.22 -12.78 -0.79
N LEU A 87 -1.43 -14.08 -0.58
CA LEU A 87 -1.41 -14.66 0.78
C LEU A 87 -0.34 -15.74 0.88
N LEU A 88 0.39 -15.71 2.00
CA LEU A 88 1.45 -16.69 2.26
C LEU A 88 0.98 -17.65 3.35
N GLU A 89 1.31 -18.92 3.20
CA GLU A 89 0.91 -19.92 4.18
C GLU A 89 1.40 -19.49 5.56
N ASP A 90 2.40 -18.64 5.56
CA ASP A 90 2.98 -18.14 6.79
C ASP A 90 2.00 -17.22 7.53
N GLY A 91 0.92 -16.84 6.83
CA GLY A 91 -0.09 -15.97 7.44
C GLY A 91 0.18 -14.50 7.18
N TYR A 92 0.97 -14.20 6.14
CA TYR A 92 1.28 -12.82 5.78
C TYR A 92 0.62 -12.46 4.46
N ASN A 93 0.22 -11.19 4.30
CA ASN A 93 -0.44 -10.74 3.08
C ASN A 93 0.38 -9.66 2.39
N VAL A 94 0.44 -9.72 1.05
CA VAL A 94 1.18 -8.72 0.27
C VAL A 94 0.33 -8.24 -0.90
N TYR A 95 0.65 -7.06 -1.42
CA TYR A 95 -0.12 -6.48 -2.54
C TYR A 95 0.78 -6.19 -3.74
N GLN A 96 0.22 -6.41 -4.93
CA GLN A 96 0.95 -6.16 -6.18
C GLN A 96 -0.03 -5.70 -7.26
N SER A 97 0.44 -4.87 -8.19
CA SER A 97 -0.42 -4.39 -9.25
C SER A 97 -0.78 -5.54 -10.19
N GLU A 98 -2.01 -5.55 -10.66
CA GLU A 98 -2.46 -6.61 -11.57
C GLU A 98 -2.09 -6.30 -13.01
N ALA A 99 -2.19 -5.03 -13.38
CA ALA A 99 -1.87 -4.62 -14.75
C ALA A 99 -0.38 -4.59 -15.04
N HIS A 100 0.40 -4.01 -14.13
CA HIS A 100 1.85 -3.90 -14.33
C HIS A 100 2.64 -5.00 -13.63
N GLY A 101 2.03 -5.65 -12.65
CA GLY A 101 2.74 -6.73 -11.93
C GLY A 101 3.86 -6.16 -11.06
N LEU A 102 3.87 -4.84 -10.89
CA LEU A 102 4.90 -4.18 -10.09
C LEU A 102 4.65 -4.44 -8.59
N PRO A 103 5.56 -5.07 -7.86
CA PRO A 103 5.36 -5.29 -6.40
C PRO A 103 5.07 -3.97 -5.68
N LEU A 104 4.20 -4.03 -4.67
CA LEU A 104 3.85 -2.82 -3.92
C LEU A 104 4.85 -2.60 -2.80
N HIS A 105 5.43 -1.39 -2.79
CA HIS A 105 6.42 -1.05 -1.77
C HIS A 105 6.44 0.46 -1.52
N LEU A 106 6.86 0.84 -0.32
CA LEU A 106 6.93 2.25 0.04
C LEU A 106 7.88 2.99 -0.90
N PRO A 107 7.65 4.27 -1.16
CA PRO A 107 8.51 5.06 -2.07
C PRO A 107 9.89 5.37 -1.49
N GLY A 108 10.86 5.57 -2.36
CA GLY A 108 12.23 5.87 -1.94
C GLY A 108 13.03 4.59 -1.75
N ASN A 109 12.47 3.48 -2.21
CA ASN A 109 13.14 2.18 -2.10
C ASN A 109 13.83 2.04 -0.74
N LYS A 110 15.15 1.87 -0.77
CA LYS A 110 15.93 1.73 0.45
C LYS A 110 15.86 3.01 1.28
N SER A 111 16.09 4.14 0.63
CA SER A 111 16.05 5.44 1.31
C SER A 111 16.71 6.53 0.46
N PRO A 112 18.00 6.42 0.19
CA PRO A 112 18.74 7.43 -0.63
C PRO A 112 18.31 7.38 -2.10
N HIS A 113 18.55 8.48 -2.82
CA HIS A 113 18.19 8.55 -4.22
C HIS A 113 19.07 7.60 -5.03
N ARG A 114 18.42 6.68 -5.77
CA ARG A 114 19.14 5.72 -6.58
C ARG A 114 18.26 5.24 -7.74
N ASP A 115 18.88 4.90 -8.86
CA ASP A 115 18.14 4.44 -10.03
C ASP A 115 17.08 3.43 -9.61
N PRO A 116 16.05 3.20 -10.41
CA PRO A 116 14.99 2.22 -10.03
C PRO A 116 15.57 0.84 -9.72
N ALA A 117 15.03 0.19 -8.69
CA ALA A 117 15.50 -1.13 -8.30
C ALA A 117 14.62 -1.68 -7.18
N PRO A 118 13.37 -1.90 -7.44
CA PRO A 118 12.40 -2.43 -6.42
C PRO A 118 12.59 -3.93 -6.20
N ARG A 119 13.15 -4.29 -5.05
CA ARG A 119 13.37 -5.70 -4.71
C ARG A 119 13.10 -5.93 -3.22
N GLY A 120 12.66 -7.15 -2.89
CA GLY A 120 12.36 -7.49 -1.51
C GLY A 120 11.08 -6.79 -1.05
N PRO A 121 9.95 -7.29 -1.48
CA PRO A 121 8.63 -6.70 -1.10
C PRO A 121 8.40 -6.67 0.40
N ALA A 122 7.69 -5.65 0.87
CA ALA A 122 7.40 -5.51 2.29
C ALA A 122 6.13 -6.26 2.65
N ARG A 123 6.24 -7.14 3.65
CA ARG A 123 5.09 -7.91 4.10
C ARG A 123 4.14 -7.01 4.86
N PHE A 124 2.85 -7.08 4.52
CA PHE A 124 1.84 -6.24 5.17
C PHE A 124 0.78 -7.12 5.85
N LEU A 125 0.23 -6.59 6.95
CA LEU A 125 -0.78 -7.28 7.73
C LEU A 125 -1.95 -6.33 8.02
N PRO A 126 -3.04 -6.39 7.29
CA PRO A 126 -4.20 -5.50 7.54
C PRO A 126 -4.75 -5.68 8.97
N LEU A 127 -5.11 -4.57 9.63
CA LEU A 127 -5.66 -4.63 11.00
C LEU A 127 -7.12 -4.16 10.97
N PRO A 128 -8.04 -4.82 11.65
CA PRO A 128 -9.46 -4.38 11.67
C PRO A 128 -9.57 -2.88 11.95
N GLY A 129 -10.34 -2.19 11.12
CA GLY A 129 -10.54 -0.75 11.28
C GLY A 129 -11.02 -0.42 12.70
N GLY A 1 -17.70 -9.52 3.48
CA GLY A 1 -18.11 -8.18 2.98
C GLY A 1 -17.31 -7.83 1.73
N GLN A 2 -17.96 -7.21 0.76
CA GLN A 2 -17.29 -6.82 -0.47
C GLN A 2 -16.24 -5.76 -0.18
N VAL A 3 -16.56 -4.88 0.78
CA VAL A 3 -15.65 -3.81 1.20
C VAL A 3 -15.52 -3.80 2.72
N ARG A 4 -14.30 -3.56 3.19
CA ARG A 4 -14.04 -3.53 4.63
C ARG A 4 -13.06 -2.42 5.00
N GLN A 5 -13.17 -1.93 6.23
CA GLN A 5 -12.28 -0.86 6.71
C GLN A 5 -11.14 -1.46 7.54
N ARG A 6 -9.90 -1.27 7.09
CA ARG A 6 -8.74 -1.82 7.80
C ARG A 6 -7.53 -0.90 7.65
N TYR A 7 -6.59 -1.02 8.59
CA TYR A 7 -5.35 -0.23 8.56
C TYR A 7 -4.24 -1.05 7.92
N LEU A 8 -3.48 -0.46 7.01
CA LEU A 8 -2.38 -1.17 6.36
C LEU A 8 -1.08 -0.86 7.09
N TYR A 9 -0.44 -1.88 7.66
CA TYR A 9 0.80 -1.70 8.42
C TYR A 9 1.86 -2.73 7.99
N THR A 10 3.14 -2.31 8.03
CA THR A 10 4.25 -3.20 7.66
C THR A 10 5.41 -3.02 8.63
N SER A 11 6.28 -4.03 8.68
CA SER A 11 7.45 -4.01 9.56
C SER A 11 8.74 -4.03 8.74
N GLY A 12 9.58 -3.03 8.96
CA GLY A 12 10.86 -2.93 8.24
C GLY A 12 12.01 -3.41 9.12
N PRO A 13 13.13 -3.75 8.53
CA PRO A 13 14.32 -4.24 9.27
C PRO A 13 14.94 -3.17 10.17
N HIS A 14 15.42 -3.58 11.34
CA HIS A 14 16.04 -2.64 12.28
C HIS A 14 15.29 -1.31 12.29
N GLY A 15 13.98 -1.36 12.07
CA GLY A 15 13.16 -0.15 12.04
C GLY A 15 13.05 0.47 13.43
N LEU A 16 12.77 1.78 13.44
CA LEU A 16 12.62 2.51 14.69
C LEU A 16 11.44 1.96 15.47
N SER A 17 10.36 1.71 14.74
CA SER A 17 9.14 1.20 15.33
C SER A 17 8.21 0.71 14.22
N SER A 18 6.96 0.42 14.57
CA SER A 18 6.01 -0.05 13.58
C SER A 18 5.73 1.04 12.55
N CYS A 19 5.49 0.62 11.30
CA CYS A 19 5.23 1.57 10.22
C CYS A 19 3.78 1.40 9.73
N HIS A 20 3.01 2.49 9.87
CA HIS A 20 1.61 2.50 9.44
C HIS A 20 1.46 3.36 8.19
N LEU A 21 1.05 2.74 7.10
CA LEU A 21 0.87 3.46 5.85
C LEU A 21 -0.16 4.58 6.04
N GLU A 22 0.24 5.80 5.70
CA GLU A 22 -0.65 6.96 5.82
C GLU A 22 -0.60 7.80 4.56
N ILE A 23 -1.76 8.30 4.15
CA ILE A 23 -1.86 9.14 2.95
C ILE A 23 -2.07 10.59 3.35
N ARG A 24 -1.25 11.47 2.78
CA ARG A 24 -1.35 12.89 3.07
C ARG A 24 -2.48 13.51 2.25
N GLU A 25 -2.98 14.64 2.73
CA GLU A 25 -4.06 15.34 2.04
C GLU A 25 -3.51 15.93 0.76
N ASP A 26 -2.20 16.14 0.75
CA ASP A 26 -1.53 16.71 -0.40
C ASP A 26 -1.34 15.64 -1.48
N GLY A 27 -1.65 14.38 -1.13
CA GLY A 27 -1.51 13.28 -2.07
C GLY A 27 -0.17 12.54 -1.90
N THR A 28 0.54 12.85 -0.81
CA THR A 28 1.82 12.18 -0.54
C THR A 28 1.58 10.89 0.23
N VAL A 29 2.59 10.02 0.27
CA VAL A 29 2.47 8.74 0.97
C VAL A 29 3.69 8.48 1.85
N GLY A 30 3.43 7.96 3.05
CA GLY A 30 4.51 7.66 3.99
C GLY A 30 4.02 6.75 5.12
N CYS A 31 4.94 6.27 5.93
CA CYS A 31 4.58 5.39 7.05
C CYS A 31 4.40 6.21 8.33
N ALA A 32 3.68 5.62 9.30
CA ALA A 32 3.44 6.28 10.59
C ALA A 32 3.61 5.28 11.74
N ALA A 33 4.21 5.72 12.84
CA ALA A 33 4.42 4.85 14.00
C ALA A 33 3.43 5.19 15.11
N ASP A 34 2.64 6.24 14.90
CA ASP A 34 1.67 6.70 15.90
C ASP A 34 0.23 6.44 15.45
N GLN A 35 0.05 5.56 14.46
CA GLN A 35 -1.29 5.27 13.97
C GLN A 35 -2.10 6.55 13.76
N SER A 36 -2.16 6.99 12.51
CA SER A 36 -2.90 8.21 12.15
C SER A 36 -4.19 7.83 11.42
N PRO A 37 -5.22 8.62 11.52
CA PRO A 37 -6.53 8.31 10.85
C PRO A 37 -6.38 8.17 9.33
N GLU A 38 -5.44 8.90 8.75
CA GLU A 38 -5.21 8.84 7.31
C GLU A 38 -4.74 7.45 6.90
N SER A 39 -4.43 6.60 7.89
CA SER A 39 -3.95 5.25 7.62
C SER A 39 -5.12 4.28 7.49
N LEU A 40 -6.33 4.79 7.72
CA LEU A 40 -7.53 3.96 7.63
C LEU A 40 -7.93 3.88 6.15
N LEU A 41 -7.87 2.67 5.60
CA LEU A 41 -8.18 2.48 4.18
C LEU A 41 -9.30 1.47 3.96
N GLN A 42 -10.30 1.88 3.18
CA GLN A 42 -11.41 1.01 2.84
C GLN A 42 -11.04 0.18 1.62
N LEU A 43 -10.71 -1.09 1.83
CA LEU A 43 -10.32 -1.94 0.72
C LEU A 43 -11.54 -2.53 0.03
N LYS A 44 -11.68 -2.21 -1.26
CA LYS A 44 -12.81 -2.69 -2.05
C LYS A 44 -12.37 -3.82 -2.97
N ALA A 45 -13.22 -4.83 -3.11
CA ALA A 45 -12.92 -5.96 -3.98
C ALA A 45 -13.56 -5.74 -5.35
N LEU A 46 -12.76 -5.33 -6.33
CA LEU A 46 -13.29 -5.10 -7.67
C LEU A 46 -13.66 -6.43 -8.31
N LYS A 47 -12.69 -7.35 -8.28
CA LYS A 47 -12.85 -8.68 -8.85
C LYS A 47 -12.09 -9.66 -7.95
N PRO A 48 -12.51 -10.90 -7.87
CA PRO A 48 -11.80 -11.89 -7.01
C PRO A 48 -10.31 -11.93 -7.34
N GLY A 49 -9.48 -11.53 -6.39
CA GLY A 49 -8.03 -11.50 -6.56
C GLY A 49 -7.53 -10.07 -6.81
N VAL A 50 -8.45 -9.16 -7.13
CA VAL A 50 -8.09 -7.75 -7.38
C VAL A 50 -8.87 -6.85 -6.43
N ILE A 51 -8.17 -5.91 -5.79
CA ILE A 51 -8.81 -5.00 -4.84
C ILE A 51 -8.35 -3.57 -5.05
N GLN A 52 -9.07 -2.62 -4.44
CA GLN A 52 -8.75 -1.20 -4.51
C GLN A 52 -8.79 -0.63 -3.10
N ILE A 53 -7.90 0.32 -2.80
CA ILE A 53 -7.85 0.91 -1.45
C ILE A 53 -8.14 2.42 -1.52
N LEU A 54 -9.13 2.84 -0.72
CA LEU A 54 -9.55 4.24 -0.66
C LEU A 54 -9.52 4.73 0.78
N GLY A 55 -8.79 5.83 1.02
CA GLY A 55 -8.70 6.40 2.35
C GLY A 55 -9.92 7.23 2.67
N VAL A 56 -10.49 7.01 3.85
CA VAL A 56 -11.68 7.72 4.28
C VAL A 56 -11.40 9.19 4.58
N LYS A 57 -10.32 9.44 5.32
CA LYS A 57 -9.95 10.80 5.69
C LYS A 57 -9.54 11.63 4.48
N THR A 58 -8.71 11.06 3.61
CA THR A 58 -8.23 11.78 2.44
C THR A 58 -9.17 11.62 1.25
N SER A 59 -9.98 10.57 1.24
CA SER A 59 -10.91 10.35 0.14
C SER A 59 -10.15 10.21 -1.18
N ARG A 60 -8.87 9.80 -1.09
CA ARG A 60 -8.03 9.62 -2.28
C ARG A 60 -7.73 8.15 -2.49
N PHE A 61 -7.71 7.74 -3.76
CA PHE A 61 -7.41 6.35 -4.10
C PHE A 61 -5.90 6.17 -4.24
N LEU A 62 -5.34 5.24 -3.47
CA LEU A 62 -3.90 4.99 -3.53
C LEU A 62 -3.55 4.25 -4.82
N CYS A 63 -2.83 4.94 -5.70
CA CYS A 63 -2.42 4.35 -6.97
C CYS A 63 -0.92 4.52 -7.18
N GLN A 64 -0.30 3.54 -7.86
CA GLN A 64 1.14 3.56 -8.12
C GLN A 64 1.42 3.91 -9.58
N ARG A 65 2.36 4.81 -9.79
CA ARG A 65 2.72 5.25 -11.15
C ARG A 65 3.77 4.31 -11.77
N PRO A 66 4.00 4.39 -13.07
CA PRO A 66 5.03 3.53 -13.75
C PRO A 66 6.38 3.59 -13.05
N ASP A 67 6.69 4.75 -12.49
CA ASP A 67 7.95 4.93 -11.79
C ASP A 67 7.96 4.10 -10.52
N GLY A 68 6.79 3.53 -10.21
CA GLY A 68 6.65 2.69 -9.02
C GLY A 68 6.43 3.53 -7.77
N ALA A 69 6.13 4.82 -7.97
CA ALA A 69 5.91 5.72 -6.84
C ALA A 69 4.46 5.65 -6.36
N LEU A 70 4.27 5.68 -5.05
CA LEU A 70 2.95 5.63 -4.45
C LEU A 70 2.40 7.04 -4.23
N TYR A 71 1.15 7.26 -4.62
CA TYR A 71 0.52 8.56 -4.44
C TYR A 71 -1.00 8.42 -4.37
N GLY A 72 -1.64 9.33 -3.64
CA GLY A 72 -3.10 9.30 -3.53
C GLY A 72 -3.71 10.04 -4.70
N SER A 73 -4.74 9.44 -5.31
CA SER A 73 -5.40 10.06 -6.47
C SER A 73 -6.89 10.23 -6.22
N LEU A 74 -7.39 11.43 -6.46
CA LEU A 74 -8.81 11.73 -6.28
C LEU A 74 -9.63 10.91 -7.28
N HIS A 75 -9.06 10.72 -8.47
CA HIS A 75 -9.74 9.95 -9.53
C HIS A 75 -9.33 8.48 -9.47
N PHE A 76 -10.23 7.60 -9.91
CA PHE A 76 -9.98 6.16 -9.89
C PHE A 76 -9.38 5.70 -11.22
N ASP A 77 -8.30 4.91 -11.13
CA ASP A 77 -7.60 4.39 -12.31
C ASP A 77 -7.25 2.92 -12.09
N PRO A 78 -8.04 1.99 -12.59
CA PRO A 78 -7.77 0.53 -12.41
C PRO A 78 -6.35 0.15 -12.83
N GLU A 79 -5.89 0.72 -13.91
CA GLU A 79 -4.56 0.42 -14.44
C GLU A 79 -3.45 0.69 -13.41
N ALA A 80 -3.76 1.44 -12.34
CA ALA A 80 -2.74 1.76 -11.34
C ALA A 80 -3.26 1.64 -9.91
N CYS A 81 -4.57 1.74 -9.73
CA CYS A 81 -5.17 1.66 -8.39
C CYS A 81 -5.55 0.24 -8.01
N SER A 82 -5.58 -0.67 -8.99
CA SER A 82 -5.92 -2.06 -8.72
C SER A 82 -4.69 -2.78 -8.17
N PHE A 83 -4.91 -3.69 -7.24
CA PHE A 83 -3.81 -4.43 -6.64
C PHE A 83 -4.18 -5.90 -6.43
N ARG A 84 -3.18 -6.76 -6.56
CA ARG A 84 -3.37 -8.20 -6.38
C ARG A 84 -3.07 -8.57 -4.93
N GLU A 85 -3.86 -9.50 -4.39
CA GLU A 85 -3.67 -9.95 -3.01
C GLU A 85 -2.73 -11.13 -2.97
N LEU A 86 -1.57 -10.93 -2.34
CA LEU A 86 -0.57 -11.99 -2.21
C LEU A 86 -0.51 -12.49 -0.77
N LEU A 87 -0.64 -13.80 -0.58
CA LEU A 87 -0.59 -14.39 0.77
C LEU A 87 0.53 -15.41 0.84
N LEU A 88 1.31 -15.34 1.90
CA LEU A 88 2.42 -16.26 2.11
C LEU A 88 2.07 -17.26 3.21
N GLU A 89 2.46 -18.51 3.01
CA GLU A 89 2.18 -19.54 4.00
C GLU A 89 2.69 -19.10 5.37
N ASP A 90 3.64 -18.19 5.35
CA ASP A 90 4.22 -17.67 6.59
C ASP A 90 3.25 -16.75 7.32
N GLY A 91 2.15 -16.36 6.66
CA GLY A 91 1.16 -15.49 7.29
C GLY A 91 1.41 -14.02 7.01
N TYR A 92 2.20 -13.70 5.98
CA TYR A 92 2.48 -12.31 5.62
C TYR A 92 1.79 -11.98 4.30
N ASN A 93 1.17 -10.81 4.22
CA ASN A 93 0.43 -10.40 3.02
C ASN A 93 1.14 -9.24 2.31
N VAL A 94 1.06 -9.24 0.98
CA VAL A 94 1.67 -8.18 0.18
C VAL A 94 0.74 -7.79 -0.97
N TYR A 95 0.89 -6.57 -1.47
CA TYR A 95 0.07 -6.06 -2.57
C TYR A 95 0.91 -5.76 -3.80
N GLN A 96 0.39 -6.11 -4.97
CA GLN A 96 1.11 -5.90 -6.24
C GLN A 96 0.15 -5.39 -7.32
N SER A 97 0.61 -4.46 -8.14
CA SER A 97 -0.24 -3.94 -9.21
C SER A 97 -0.50 -5.02 -10.24
N GLU A 98 -1.76 -5.43 -10.37
CA GLU A 98 -2.12 -6.47 -11.31
C GLU A 98 -2.00 -5.99 -12.75
N ALA A 99 -2.19 -4.70 -12.98
CA ALA A 99 -2.15 -4.14 -14.32
C ALA A 99 -0.77 -4.27 -14.97
N HIS A 100 0.27 -3.78 -14.27
CA HIS A 100 1.64 -3.81 -14.82
C HIS A 100 2.55 -4.78 -14.06
N GLY A 101 2.13 -5.21 -12.87
CA GLY A 101 2.96 -6.11 -12.09
C GLY A 101 3.97 -5.35 -11.25
N LEU A 102 3.73 -4.06 -11.07
CA LEU A 102 4.64 -3.23 -10.27
C LEU A 102 4.53 -3.62 -8.79
N PRO A 103 5.64 -3.72 -8.08
CA PRO A 103 5.62 -4.07 -6.64
C PRO A 103 5.18 -2.88 -5.78
N LEU A 104 4.44 -3.14 -4.70
CA LEU A 104 3.97 -2.06 -3.83
C LEU A 104 4.88 -1.94 -2.61
N HIS A 105 5.47 -0.76 -2.46
CA HIS A 105 6.37 -0.49 -1.35
C HIS A 105 6.39 1.02 -1.07
N LEU A 106 6.87 1.40 0.11
CA LEU A 106 6.94 2.82 0.46
C LEU A 106 8.07 3.49 -0.32
N PRO A 107 8.03 4.80 -0.53
CA PRO A 107 9.12 5.50 -1.25
C PRO A 107 10.50 5.20 -0.66
N GLY A 108 11.49 5.00 -1.53
CA GLY A 108 12.85 4.68 -1.10
C GLY A 108 13.88 5.61 -1.74
N ASN A 109 13.43 6.78 -2.17
CA ASN A 109 14.34 7.73 -2.79
C ASN A 109 15.17 8.44 -1.73
N LYS A 110 16.30 7.83 -1.36
CA LYS A 110 17.17 8.41 -0.35
C LYS A 110 18.50 7.66 -0.30
N SER A 111 18.44 6.35 -0.52
CA SER A 111 19.64 5.52 -0.48
C SER A 111 19.32 4.10 -0.92
N PRO A 112 18.81 3.93 -2.11
CA PRO A 112 18.44 2.59 -2.66
C PRO A 112 19.65 1.69 -2.88
N HIS A 113 19.48 0.39 -2.65
CA HIS A 113 20.58 -0.57 -2.82
C HIS A 113 20.67 -1.03 -4.27
N ARG A 114 21.84 -0.80 -4.88
CA ARG A 114 22.08 -1.21 -6.26
C ARG A 114 22.32 -2.72 -6.33
N ASP A 115 22.62 -3.32 -5.17
CA ASP A 115 22.89 -4.76 -5.09
C ASP A 115 21.96 -5.54 -6.03
N PRO A 116 22.40 -6.65 -6.58
CA PRO A 116 21.57 -7.46 -7.52
C PRO A 116 20.35 -8.07 -6.83
N ALA A 117 19.32 -8.35 -7.61
CA ALA A 117 18.09 -8.91 -7.08
C ALA A 117 17.38 -7.90 -6.18
N PRO A 118 16.89 -6.82 -6.75
CA PRO A 118 16.17 -5.76 -5.98
C PRO A 118 14.95 -6.31 -5.24
N ARG A 119 14.42 -7.44 -5.72
CA ARG A 119 13.25 -8.05 -5.10
C ARG A 119 13.36 -7.99 -3.58
N GLY A 120 12.40 -7.36 -2.94
CA GLY A 120 12.40 -7.26 -1.48
C GLY A 120 11.35 -6.25 -1.01
N PRO A 121 10.11 -6.48 -1.36
CA PRO A 121 8.99 -5.58 -0.97
C PRO A 121 8.69 -5.70 0.52
N ALA A 122 8.22 -4.60 1.13
CA ALA A 122 7.90 -4.62 2.54
C ALA A 122 6.62 -5.42 2.78
N ARG A 123 6.68 -6.34 3.74
CA ARG A 123 5.52 -7.16 4.07
C ARG A 123 4.48 -6.33 4.80
N PHE A 124 3.21 -6.49 4.43
CA PHE A 124 2.14 -5.75 5.06
C PHE A 124 1.16 -6.68 5.76
N LEU A 125 0.57 -6.17 6.84
CA LEU A 125 -0.41 -6.92 7.64
C LEU A 125 -1.61 -6.01 7.94
N PRO A 126 -2.78 -6.28 7.40
CA PRO A 126 -3.97 -5.41 7.64
C PRO A 126 -4.58 -5.62 9.03
N LEU A 127 -4.97 -4.52 9.68
CA LEU A 127 -5.58 -4.57 11.01
C LEU A 127 -7.07 -4.21 10.90
N PRO A 128 -7.96 -4.82 11.66
CA PRO A 128 -9.41 -4.45 11.59
C PRO A 128 -9.61 -2.96 11.81
N GLY A 129 -10.42 -2.33 10.95
CA GLY A 129 -10.68 -0.90 11.08
C GLY A 129 -11.13 -0.55 12.49
N GLY A 1 -18.73 -9.19 3.10
CA GLY A 1 -17.59 -8.28 3.43
C GLY A 1 -17.07 -7.64 2.15
N GLN A 2 -17.94 -6.91 1.47
CA GLN A 2 -17.56 -6.23 0.23
C GLN A 2 -16.51 -5.16 0.52
N VAL A 3 -16.69 -4.44 1.62
CA VAL A 3 -15.75 -3.38 2.00
C VAL A 3 -15.34 -3.53 3.45
N ARG A 4 -14.04 -3.33 3.70
CA ARG A 4 -13.48 -3.44 5.05
C ARG A 4 -12.48 -2.33 5.31
N GLN A 5 -12.32 -1.98 6.59
CA GLN A 5 -11.38 -0.93 7.00
C GLN A 5 -10.21 -1.57 7.74
N ARG A 6 -8.99 -1.41 7.20
CA ARG A 6 -7.81 -2.02 7.84
C ARG A 6 -6.56 -1.16 7.64
N TYR A 7 -5.56 -1.39 8.50
CA TYR A 7 -4.28 -0.69 8.40
C TYR A 7 -3.29 -1.59 7.67
N LEU A 8 -2.55 -1.04 6.71
CA LEU A 8 -1.58 -1.85 5.96
C LEU A 8 -0.21 -1.77 6.64
N TYR A 9 0.26 -2.91 7.15
CA TYR A 9 1.56 -2.97 7.85
C TYR A 9 2.50 -3.99 7.20
N THR A 10 3.76 -3.58 7.04
CA THR A 10 4.78 -4.45 6.46
C THR A 10 6.04 -4.43 7.32
N SER A 11 6.89 -5.44 7.15
CA SER A 11 8.14 -5.53 7.93
C SER A 11 9.34 -5.35 7.02
N GLY A 12 10.34 -4.63 7.53
CA GLY A 12 11.57 -4.38 6.77
C GLY A 12 12.67 -3.88 7.70
N PRO A 13 12.62 -2.63 8.08
CA PRO A 13 13.63 -2.02 8.99
C PRO A 13 13.43 -2.50 10.44
N HIS A 14 14.49 -2.42 11.24
CA HIS A 14 14.41 -2.84 12.64
C HIS A 14 15.32 -1.96 13.51
N GLY A 15 15.01 -1.92 14.80
CA GLY A 15 15.79 -1.11 15.74
C GLY A 15 15.19 0.28 15.87
N LEU A 16 14.07 0.51 15.19
CA LEU A 16 13.38 1.80 15.23
C LEU A 16 11.92 1.63 15.62
N SER A 17 11.06 1.44 14.63
CA SER A 17 9.64 1.28 14.86
C SER A 17 8.97 0.58 13.68
N SER A 18 7.72 0.14 13.89
CA SER A 18 6.98 -0.52 12.83
C SER A 18 6.59 0.45 11.74
N CYS A 19 6.84 0.06 10.49
CA CYS A 19 6.49 0.93 9.35
C CYS A 19 5.07 0.64 8.87
N HIS A 20 4.21 1.65 8.97
CA HIS A 20 2.82 1.54 8.53
C HIS A 20 2.58 2.44 7.33
N LEU A 21 2.04 1.87 6.26
CA LEU A 21 1.79 2.65 5.05
C LEU A 21 0.93 3.86 5.41
N GLU A 22 1.41 5.05 5.06
CA GLU A 22 0.71 6.29 5.36
C GLU A 22 0.61 7.16 4.12
N ILE A 23 -0.58 7.70 3.86
CA ILE A 23 -0.79 8.56 2.70
C ILE A 23 -0.92 10.02 3.14
N ARG A 24 -0.08 10.87 2.59
CA ARG A 24 -0.07 12.29 2.91
C ARG A 24 -1.18 13.02 2.16
N GLU A 25 -1.58 14.16 2.71
CA GLU A 25 -2.60 14.99 2.09
C GLU A 25 -2.06 15.56 0.79
N ASP A 26 -0.74 15.74 0.77
CA ASP A 26 -0.07 16.27 -0.40
C ASP A 26 -0.09 15.24 -1.52
N GLY A 27 -0.56 14.04 -1.20
CA GLY A 27 -0.62 12.97 -2.18
C GLY A 27 0.66 12.14 -2.17
N THR A 28 1.51 12.37 -1.17
CA THR A 28 2.76 11.63 -1.07
C THR A 28 2.51 10.32 -0.30
N VAL A 29 3.35 9.31 -0.54
CA VAL A 29 3.20 8.01 0.12
C VAL A 29 4.48 7.64 0.87
N GLY A 30 4.32 7.11 2.08
CA GLY A 30 5.45 6.71 2.90
C GLY A 30 4.96 5.90 4.10
N CYS A 31 5.89 5.38 4.89
CA CYS A 31 5.53 4.58 6.06
C CYS A 31 5.38 5.48 7.29
N ALA A 32 4.69 4.96 8.31
CA ALA A 32 4.47 5.69 9.56
C ALA A 32 4.82 4.81 10.75
N ALA A 33 5.42 5.42 11.78
CA ALA A 33 5.81 4.69 12.99
C ALA A 33 4.91 5.06 14.17
N ASP A 34 4.09 6.10 13.99
CA ASP A 34 3.19 6.55 15.06
C ASP A 34 1.77 6.00 14.86
N GLN A 35 1.60 5.24 13.79
CA GLN A 35 0.29 4.65 13.48
C GLN A 35 -0.83 5.67 13.72
N SER A 36 -1.24 6.34 12.64
CA SER A 36 -2.31 7.35 12.72
C SER A 36 -3.44 7.01 11.73
N PRO A 37 -4.52 7.75 11.73
CA PRO A 37 -5.68 7.49 10.81
C PRO A 37 -5.27 7.45 9.33
N GLU A 38 -4.33 8.30 8.97
CA GLU A 38 -3.86 8.35 7.58
C GLU A 38 -3.35 6.99 7.12
N SER A 39 -2.99 6.13 8.07
CA SER A 39 -2.49 4.80 7.73
C SER A 39 -3.68 3.84 7.58
N LEU A 40 -4.87 4.35 7.86
CA LEU A 40 -6.09 3.55 7.77
C LEU A 40 -6.64 3.65 6.35
N LEU A 41 -6.69 2.52 5.65
CA LEU A 41 -7.17 2.49 4.27
C LEU A 41 -8.44 1.66 4.14
N GLN A 42 -9.47 2.25 3.54
CA GLN A 42 -10.71 1.52 3.33
C GLN A 42 -10.57 0.58 2.15
N LEU A 43 -10.67 -0.72 2.40
CA LEU A 43 -10.54 -1.72 1.36
C LEU A 43 -11.89 -2.04 0.76
N LYS A 44 -12.00 -1.89 -0.56
CA LYS A 44 -13.26 -2.17 -1.26
C LYS A 44 -13.04 -3.26 -2.30
N ALA A 45 -14.00 -4.18 -2.39
CA ALA A 45 -13.90 -5.29 -3.34
C ALA A 45 -14.64 -4.98 -4.63
N LEU A 46 -13.89 -4.58 -5.65
CA LEU A 46 -14.48 -4.27 -6.94
C LEU A 46 -15.00 -5.54 -7.60
N LYS A 47 -14.18 -6.59 -7.49
CA LYS A 47 -14.48 -7.88 -8.10
C LYS A 47 -13.72 -8.96 -7.34
N PRO A 48 -14.32 -10.08 -7.02
CA PRO A 48 -13.59 -11.16 -6.29
C PRO A 48 -12.17 -11.33 -6.83
N GLY A 49 -11.18 -11.01 -6.00
CA GLY A 49 -9.77 -11.11 -6.38
C GLY A 49 -9.15 -9.74 -6.63
N VAL A 50 -10.00 -8.74 -6.92
CA VAL A 50 -9.52 -7.38 -7.17
C VAL A 50 -10.13 -6.43 -6.14
N ILE A 51 -9.29 -5.61 -5.51
CA ILE A 51 -9.75 -4.67 -4.49
C ILE A 51 -9.20 -3.26 -4.72
N GLN A 52 -9.76 -2.30 -4.00
CA GLN A 52 -9.34 -0.90 -4.08
C GLN A 52 -9.14 -0.35 -2.68
N ILE A 53 -8.18 0.56 -2.52
CA ILE A 53 -7.88 1.15 -1.23
C ILE A 53 -8.09 2.67 -1.24
N LEU A 54 -8.80 3.16 -0.23
CA LEU A 54 -9.11 4.59 -0.10
C LEU A 54 -8.82 5.07 1.32
N GLY A 55 -7.90 6.03 1.44
CA GLY A 55 -7.52 6.58 2.76
C GLY A 55 -8.60 7.50 3.29
N VAL A 56 -9.08 7.19 4.49
CA VAL A 56 -10.14 7.98 5.11
C VAL A 56 -9.70 9.41 5.45
N LYS A 57 -8.50 9.54 6.01
CA LYS A 57 -8.01 10.87 6.39
C LYS A 57 -7.82 11.78 5.17
N THR A 58 -7.21 11.24 4.12
CA THR A 58 -6.95 12.03 2.91
C THR A 58 -8.04 11.84 1.86
N SER A 59 -8.88 10.82 2.02
CA SER A 59 -9.93 10.59 1.05
C SER A 59 -9.31 10.42 -0.35
N ARG A 60 -8.05 9.99 -0.38
CA ARG A 60 -7.33 9.78 -1.63
C ARG A 60 -7.27 8.30 -1.98
N PHE A 61 -7.40 8.01 -3.26
CA PHE A 61 -7.33 6.63 -3.74
C PHE A 61 -5.90 6.30 -4.12
N LEU A 62 -5.27 5.39 -3.38
CA LEU A 62 -3.90 5.02 -3.66
C LEU A 62 -3.82 4.21 -4.94
N CYS A 63 -3.21 4.80 -5.97
CA CYS A 63 -3.04 4.12 -7.26
C CYS A 63 -1.58 4.09 -7.64
N GLN A 64 -1.17 3.03 -8.36
CA GLN A 64 0.22 2.89 -8.79
C GLN A 64 0.35 3.22 -10.26
N ARG A 65 1.33 4.06 -10.59
CA ARG A 65 1.55 4.47 -11.99
C ARG A 65 2.42 3.44 -12.73
N PRO A 66 2.55 3.54 -14.04
CA PRO A 66 3.36 2.56 -14.83
C PRO A 66 4.78 2.41 -14.29
N ASP A 67 5.35 3.51 -13.85
CA ASP A 67 6.70 3.50 -13.30
C ASP A 67 6.72 2.70 -12.00
N GLY A 68 5.53 2.34 -11.53
CA GLY A 68 5.42 1.57 -10.30
C GLY A 68 5.44 2.47 -9.07
N ALA A 69 5.30 3.78 -9.29
CA ALA A 69 5.30 4.73 -8.18
C ALA A 69 3.93 4.76 -7.51
N LEU A 70 3.92 4.99 -6.20
CA LEU A 70 2.67 5.04 -5.43
C LEU A 70 2.27 6.48 -5.13
N TYR A 71 1.01 6.82 -5.39
CA TYR A 71 0.53 8.17 -5.12
C TYR A 71 -0.98 8.19 -4.88
N GLY A 72 -1.43 9.13 -4.05
CA GLY A 72 -2.86 9.26 -3.77
C GLY A 72 -3.53 10.11 -4.85
N SER A 73 -4.81 9.83 -5.13
CA SER A 73 -5.54 10.57 -6.15
C SER A 73 -6.98 10.83 -5.72
N LEU A 74 -7.60 11.85 -6.32
CA LEU A 74 -8.99 12.19 -6.02
C LEU A 74 -9.93 11.39 -6.91
N HIS A 75 -9.38 10.73 -7.92
CA HIS A 75 -10.18 9.93 -8.85
C HIS A 75 -9.77 8.46 -8.79
N PHE A 76 -10.67 7.59 -9.22
CA PHE A 76 -10.43 6.15 -9.22
C PHE A 76 -10.10 5.66 -10.63
N ASP A 77 -9.00 4.91 -10.75
CA ASP A 77 -8.55 4.37 -12.03
C ASP A 77 -8.27 2.87 -11.89
N PRO A 78 -9.16 2.01 -12.33
CA PRO A 78 -8.96 0.53 -12.21
C PRO A 78 -7.61 0.09 -12.77
N GLU A 79 -7.24 0.67 -13.89
CA GLU A 79 -5.98 0.34 -14.56
C GLU A 79 -4.76 0.61 -13.69
N ALA A 80 -4.92 1.40 -12.62
CA ALA A 80 -3.78 1.72 -11.75
C ALA A 80 -4.10 1.52 -10.27
N CYS A 81 -5.38 1.61 -9.90
CA CYS A 81 -5.78 1.45 -8.50
C CYS A 81 -6.30 0.05 -8.19
N SER A 82 -6.45 -0.77 -9.23
CA SER A 82 -6.90 -2.14 -9.01
C SER A 82 -5.71 -2.98 -8.58
N PHE A 83 -5.90 -3.78 -7.54
CA PHE A 83 -4.82 -4.63 -7.03
C PHE A 83 -5.31 -6.04 -6.79
N ARG A 84 -4.40 -7.00 -6.98
CA ARG A 84 -4.72 -8.41 -6.77
C ARG A 84 -4.21 -8.86 -5.40
N GLU A 85 -4.99 -9.70 -4.72
CA GLU A 85 -4.60 -10.16 -3.39
C GLU A 85 -3.77 -11.45 -3.49
N LEU A 86 -2.53 -11.38 -2.99
CA LEU A 86 -1.64 -12.54 -3.01
C LEU A 86 -1.44 -13.07 -1.60
N LEU A 87 -1.82 -14.32 -1.37
CA LEU A 87 -1.68 -14.94 -0.04
C LEU A 87 -0.67 -16.07 -0.10
N LEU A 88 0.22 -16.08 0.89
CA LEU A 88 1.27 -17.09 0.99
C LEU A 88 0.92 -18.05 2.13
N GLU A 89 1.19 -19.34 1.93
CA GLU A 89 0.89 -20.32 2.96
C GLU A 89 1.56 -19.92 4.27
N ASP A 90 2.60 -19.10 4.14
CA ASP A 90 3.35 -18.63 5.30
C ASP A 90 2.52 -17.63 6.13
N GLY A 91 1.43 -17.14 5.54
CA GLY A 91 0.56 -16.18 6.24
C GLY A 91 0.91 -14.73 5.92
N TYR A 92 1.68 -14.52 4.85
CA TYR A 92 2.04 -13.15 4.45
C TYR A 92 1.20 -12.73 3.25
N ASN A 93 0.70 -11.50 3.28
CA ASN A 93 -0.15 -10.99 2.20
C ASN A 93 0.56 -9.89 1.42
N VAL A 94 0.40 -9.90 0.10
CA VAL A 94 1.01 -8.89 -0.76
C VAL A 94 0.01 -8.44 -1.82
N TYR A 95 0.22 -7.23 -2.35
CA TYR A 95 -0.69 -6.68 -3.37
C TYR A 95 0.07 -6.38 -4.66
N GLN A 96 -0.55 -6.69 -5.79
CA GLN A 96 0.06 -6.46 -7.11
C GLN A 96 -0.98 -5.89 -8.08
N SER A 97 -0.57 -4.88 -8.85
CA SER A 97 -1.49 -4.27 -9.81
C SER A 97 -1.85 -5.27 -10.90
N GLU A 98 -3.15 -5.54 -11.04
CA GLU A 98 -3.62 -6.49 -12.04
C GLU A 98 -3.52 -5.91 -13.46
N ALA A 99 -3.64 -4.60 -13.57
CA ALA A 99 -3.61 -3.94 -14.87
C ALA A 99 -2.37 -4.30 -15.68
N HIS A 100 -1.18 -4.14 -15.09
CA HIS A 100 0.08 -4.44 -15.80
C HIS A 100 0.91 -5.49 -15.06
N GLY A 101 0.51 -5.84 -13.84
CA GLY A 101 1.25 -6.83 -13.07
C GLY A 101 2.37 -6.18 -12.27
N LEU A 102 2.28 -4.87 -12.09
CA LEU A 102 3.31 -4.14 -11.35
C LEU A 102 3.23 -4.47 -9.85
N PRO A 103 4.34 -4.71 -9.18
CA PRO A 103 4.33 -5.03 -7.72
C PRO A 103 4.06 -3.78 -6.89
N LEU A 104 3.50 -3.96 -5.69
CA LEU A 104 3.20 -2.82 -4.81
C LEU A 104 4.22 -2.77 -3.69
N HIS A 105 4.90 -1.63 -3.59
CA HIS A 105 5.91 -1.43 -2.55
C HIS A 105 6.08 0.06 -2.26
N LEU A 106 6.62 0.38 -1.09
CA LEU A 106 6.83 1.78 -0.72
C LEU A 106 7.78 2.45 -1.72
N PRO A 107 7.73 3.76 -1.88
CA PRO A 107 8.66 4.45 -2.83
C PRO A 107 10.13 4.16 -2.50
N GLY A 108 10.94 4.05 -3.55
CA GLY A 108 12.37 3.77 -3.37
C GLY A 108 13.17 4.18 -4.59
N ASN A 109 13.62 5.44 -4.59
CA ASN A 109 14.41 5.97 -5.71
C ASN A 109 15.88 6.05 -5.32
N LYS A 110 16.22 5.45 -4.19
CA LYS A 110 17.58 5.46 -3.70
C LYS A 110 17.96 6.89 -3.26
N SER A 111 16.99 7.79 -3.36
CA SER A 111 17.21 9.18 -2.97
C SER A 111 17.25 9.33 -1.45
N PRO A 112 16.46 8.59 -0.71
CA PRO A 112 16.43 8.66 0.77
C PRO A 112 17.78 8.28 1.38
N HIS A 113 18.06 8.77 2.58
CA HIS A 113 19.33 8.48 3.24
C HIS A 113 19.65 6.99 3.13
N ARG A 114 20.93 6.66 3.32
CA ARG A 114 21.37 5.27 3.22
C ARG A 114 20.38 4.33 3.89
N ASP A 115 19.80 3.43 3.10
CA ASP A 115 18.83 2.47 3.60
C ASP A 115 19.05 1.11 2.92
N PRO A 116 18.66 0.03 3.54
CA PRO A 116 18.82 -1.33 2.95
C PRO A 116 18.04 -1.47 1.64
N ALA A 117 18.60 -2.22 0.70
CA ALA A 117 17.95 -2.42 -0.60
C ALA A 117 16.58 -3.08 -0.42
N PRO A 118 15.54 -2.60 -1.09
CA PRO A 118 14.18 -3.20 -0.98
C PRO A 118 14.12 -4.56 -1.66
N ARG A 119 15.07 -4.81 -2.56
CA ARG A 119 15.14 -6.07 -3.30
C ARG A 119 13.73 -6.61 -3.62
N GLY A 120 13.37 -7.75 -3.03
CA GLY A 120 12.06 -8.34 -3.27
C GLY A 120 10.95 -7.39 -2.83
N PRO A 121 9.72 -7.78 -3.05
CA PRO A 121 8.53 -6.95 -2.67
C PRO A 121 8.35 -6.91 -1.15
N ALA A 122 7.75 -5.82 -0.67
CA ALA A 122 7.51 -5.66 0.77
C ALA A 122 6.23 -6.38 1.19
N ARG A 123 6.37 -7.39 2.03
CA ARG A 123 5.22 -8.13 2.51
C ARG A 123 4.37 -7.25 3.43
N PHE A 124 3.05 -7.29 3.22
CA PHE A 124 2.13 -6.48 4.01
C PHE A 124 1.18 -7.37 4.79
N LEU A 125 0.67 -6.84 5.90
CA LEU A 125 -0.24 -7.57 6.78
C LEU A 125 -1.38 -6.65 7.22
N PRO A 126 -2.50 -6.64 6.55
CA PRO A 126 -3.65 -5.77 6.93
C PRO A 126 -4.11 -6.04 8.37
N LEU A 127 -4.36 -4.95 9.12
CA LEU A 127 -4.81 -5.07 10.51
C LEU A 127 -6.27 -4.58 10.61
N PRO A 128 -7.18 -5.33 11.21
CA PRO A 128 -8.60 -4.88 11.32
C PRO A 128 -8.71 -3.43 11.81
N GLY A 129 -9.47 -2.61 11.08
CA GLY A 129 -9.66 -1.20 11.45
C GLY A 129 -11.11 -0.93 11.81
#